data_9N7K
#
_entry.id   9N7K
#
_cell.length_a   64.660
_cell.length_b   74.550
_cell.length_c   204.900
_cell.angle_alpha   90.00
_cell.angle_beta   90.00
_cell.angle_gamma   90.00
#
_symmetry.space_group_name_H-M   'P 21 21 21'
#
loop_
_entity.id
_entity.type
_entity.pdbx_description
1 polymer 'RUPA-71 Fab heavy chain'
2 polymer 'RUPA-71 Fab kappa chain'
3 non-polymer GLYCEROL
4 non-polymer 1,2-ETHANEDIOL
5 water water
#
loop_
_entity_poly.entity_id
_entity_poly.type
_entity_poly.pdbx_seq_one_letter_code
_entity_poly.pdbx_strand_id
1 'polypeptide(L)'
;EEQLVESGGGLVKPGRSLRLSCSASGFTLGDYAVTWFRQASGKEPEWVGVIRTKDEGGTTEYAASVKGRFSILRDDSKSI
AHLQMNSLKIEDTAVYYCTRNGLRWYDSSGPRGWAFDIWGPGTLVVVSSASTKGPSVFPLAPSSKSTSGGTAALGCLVKD
YFPEPVTVSWNSGALTSGVHTFPAVLQSSGLYSLSSVVTVPSSSLGTQTYICNVNHKPSNTKVDKKVEPKSC
;
A,H
2 'polypeptide(L)'
;EIVMTQSPATVSVSPGERATLSCRTSQSVSNKLAWYQQKPGQAPRLLIYGASTRATGIPARFSGSGSGTQFTLTISSLQS
EDFAVYYCQQYNNWPPWTFGRGTKVEIKRTVAAPSVFIFPPSDEQLKSGTASVVCLLNNFYPREAKVQWKVDNALQSGNS
QESVTEQDSKDSTYSLSSTLTLSKADYEKHKVYACEVTHQGLSSPVTKSFNRGEC
;
B,L
#
# COMPACT_ATOMS: atom_id res chain seq x y z
N GLU A 1 -20.02 -9.86 1.54
CA GLU A 1 -19.93 -8.45 1.89
C GLU A 1 -21.28 -7.72 1.75
N GLU A 2 -21.76 -7.17 2.86
CA GLU A 2 -23.07 -6.54 2.91
C GLU A 2 -23.07 -5.17 2.20
N GLN A 3 -24.10 -4.91 1.39
CA GLN A 3 -24.21 -3.63 0.70
C GLN A 3 -25.66 -3.28 0.40
N LEU A 4 -25.90 -1.97 0.23
CA LEU A 4 -27.16 -1.41 -0.20
C LEU A 4 -26.98 -0.68 -1.51
N VAL A 5 -28.03 -0.63 -2.33
CA VAL A 5 -28.01 0.13 -3.58
C VAL A 5 -29.36 0.76 -3.83
N GLU A 6 -29.37 2.06 -4.02
CA GLU A 6 -30.57 2.76 -4.45
C GLU A 6 -30.68 2.76 -5.97
N SER A 7 -31.92 2.79 -6.45
CA SER A 7 -32.16 2.88 -7.87
C SER A 7 -33.42 3.70 -8.07
N GLY A 8 -33.55 4.25 -9.29
CA GLY A 8 -34.77 4.90 -9.72
C GLY A 8 -34.72 6.40 -9.81
N GLY A 9 -33.61 7.06 -9.48
CA GLY A 9 -33.57 8.50 -9.60
C GLY A 9 -33.62 8.93 -11.06
N GLY A 10 -33.98 10.19 -11.27
CA GLY A 10 -34.01 10.76 -12.61
C GLY A 10 -34.79 12.06 -12.63
N LEU A 11 -35.24 12.43 -13.82
CA LEU A 11 -35.97 13.68 -14.00
C LEU A 11 -37.47 13.43 -13.81
N VAL A 12 -38.11 14.31 -13.06
CA VAL A 12 -39.53 14.19 -12.81
C VAL A 12 -40.10 15.60 -12.77
N LYS A 13 -41.34 15.74 -13.22
CA LYS A 13 -41.94 17.06 -13.27
C LYS A 13 -42.61 17.41 -11.95
N PRO A 14 -42.68 18.70 -11.64
CA PRO A 14 -43.37 19.13 -10.42
C PRO A 14 -44.79 18.58 -10.43
N GLY A 15 -45.22 18.08 -9.27
CA GLY A 15 -46.52 17.47 -9.14
C GLY A 15 -46.57 16.01 -9.52
N ARG A 16 -45.56 15.48 -10.19
CA ARG A 16 -45.59 14.08 -10.58
C ARG A 16 -45.05 13.20 -9.45
N SER A 17 -44.97 11.89 -9.71
CA SER A 17 -44.50 10.93 -8.73
C SER A 17 -43.27 10.18 -9.23
N LEU A 18 -42.58 9.50 -8.31
CA LEU A 18 -41.40 8.70 -8.62
C LEU A 18 -41.18 7.68 -7.51
N ARG A 19 -40.77 6.47 -7.88
CA ARG A 19 -40.50 5.41 -6.91
C ARG A 19 -39.01 5.09 -6.91
N LEU A 20 -38.39 5.20 -5.73
CA LEU A 20 -37.02 4.76 -5.52
C LEU A 20 -37.05 3.40 -4.85
N SER A 21 -36.02 2.61 -5.13
CA SER A 21 -35.88 1.31 -4.49
C SER A 21 -34.55 1.20 -3.76
N CYS A 22 -34.59 0.43 -2.69
CA CYS A 22 -33.41 0.20 -1.86
C CYS A 22 -33.23 -1.31 -1.78
N SER A 23 -32.10 -1.80 -2.26
CA SER A 23 -31.86 -3.24 -2.39
C SER A 23 -30.68 -3.65 -1.53
N ALA A 24 -30.89 -4.68 -0.72
CA ALA A 24 -29.87 -5.19 0.17
C ALA A 24 -29.25 -6.45 -0.42
N SER A 25 -27.95 -6.60 -0.24
CA SER A 25 -27.28 -7.82 -0.65
C SER A 25 -26.31 -8.25 0.45
N GLY A 26 -26.32 -9.55 0.75
CA GLY A 26 -25.44 -10.09 1.78
C GLY A 26 -25.99 -10.08 3.20
N PHE A 27 -27.16 -9.51 3.44
CA PHE A 27 -27.78 -9.58 4.76
C PHE A 27 -29.29 -9.53 4.61
N THR A 28 -29.98 -9.75 5.71
CA THR A 28 -31.44 -9.76 5.70
C THR A 28 -31.94 -8.35 5.99
N LEU A 29 -32.41 -7.66 4.96
CA LEU A 29 -32.87 -6.30 5.17
C LEU A 29 -33.96 -6.24 6.23
N GLY A 30 -34.81 -7.27 6.29
CA GLY A 30 -35.91 -7.33 7.24
C GLY A 30 -35.50 -7.29 8.70
N ASP A 31 -34.22 -7.55 9.01
CA ASP A 31 -33.72 -7.39 10.37
C ASP A 31 -33.60 -5.94 10.78
N TYR A 32 -33.83 -4.99 9.86
CA TYR A 32 -33.43 -3.61 10.08
C TYR A 32 -34.52 -2.62 9.74
N ALA A 33 -34.45 -1.47 10.41
CA ALA A 33 -35.16 -0.29 9.98
C ALA A 33 -34.49 0.27 8.73
N VAL A 34 -35.29 0.65 7.75
CA VAL A 34 -34.77 1.31 6.55
C VAL A 34 -35.06 2.79 6.69
N THR A 35 -34.01 3.58 6.80
CA THR A 35 -34.11 5.01 6.99
C THR A 35 -33.63 5.72 5.72
N TRP A 36 -34.46 6.62 5.21
CA TRP A 36 -34.16 7.37 4.01
C TRP A 36 -33.65 8.76 4.37
N PHE A 37 -32.54 9.15 3.76
CA PHE A 37 -31.97 10.48 3.87
C PHE A 37 -31.86 11.13 2.51
N ARG A 38 -31.73 12.46 2.50
CA ARG A 38 -31.41 13.19 1.28
C ARG A 38 -30.42 14.29 1.57
N GLN A 39 -29.69 14.66 0.52
CA GLN A 39 -28.58 15.59 0.65
C GLN A 39 -28.56 16.46 -0.59
N ALA A 40 -28.50 17.78 -0.39
CA ALA A 40 -28.42 18.71 -1.51
C ALA A 40 -27.48 19.84 -1.16
N SER A 41 -26.96 20.49 -2.19
CA SER A 41 -26.27 21.78 -2.07
C SER A 41 -25.14 21.75 -1.06
N GLY A 42 -24.40 20.65 -1.02
CA GLY A 42 -23.28 20.59 -0.10
C GLY A 42 -23.62 20.70 1.37
N LYS A 43 -24.88 20.43 1.77
CA LYS A 43 -25.23 20.41 3.17
C LYS A 43 -25.13 18.99 3.76
N GLU A 44 -25.45 18.86 5.04
CA GLU A 44 -25.37 17.54 5.65
C GLU A 44 -26.60 16.71 5.30
N PRO A 45 -26.51 15.40 5.47
CA PRO A 45 -27.66 14.53 5.19
C PRO A 45 -28.85 14.94 6.04
N GLU A 46 -30.03 14.76 5.47
CA GLU A 46 -31.27 15.23 6.06
C GLU A 46 -32.27 14.09 6.11
N TRP A 47 -32.90 13.89 7.26
CA TRP A 47 -33.85 12.79 7.41
C TRP A 47 -35.07 12.96 6.49
N VAL A 48 -35.43 11.90 5.81
CA VAL A 48 -36.62 11.87 4.96
C VAL A 48 -37.74 11.04 5.59
N GLY A 49 -37.44 9.80 5.96
CA GLY A 49 -38.43 8.91 6.56
C GLY A 49 -37.77 7.61 6.96
N VAL A 50 -38.57 6.76 7.63
CA VAL A 50 -38.13 5.45 8.09
C VAL A 50 -39.32 4.51 8.05
N ILE A 51 -39.04 3.23 7.83
CA ILE A 51 -39.99 2.15 8.11
C ILE A 51 -39.29 1.20 9.07
N ARG A 52 -39.99 0.84 10.15
CA ARG A 52 -39.47 -0.06 11.18
C ARG A 52 -39.51 -1.51 10.70
N THR A 53 -38.89 -2.38 11.49
CA THR A 53 -38.97 -3.79 11.17
C THR A 53 -40.38 -4.31 11.40
N LYS A 54 -40.70 -5.39 10.69
CA LYS A 54 -41.94 -6.12 10.96
C LYS A 54 -42.11 -6.38 12.44
N ASP A 55 -41.01 -6.74 13.11
CA ASP A 55 -41.07 -7.03 14.54
C ASP A 55 -41.57 -5.83 15.34
N GLU A 56 -41.26 -4.62 14.90
CA GLU A 56 -41.63 -3.42 15.65
C GLU A 56 -42.93 -2.84 15.13
N GLY A 57 -43.64 -3.60 14.29
CA GLY A 57 -44.90 -3.17 13.74
C GLY A 57 -44.85 -2.73 12.28
N GLY A 58 -43.66 -2.66 11.68
CA GLY A 58 -43.50 -2.31 10.27
C GLY A 58 -44.08 -0.98 9.86
N THR A 59 -44.16 -0.02 10.78
CA THR A 59 -44.77 1.28 10.59
C THR A 59 -43.72 2.29 10.12
N THR A 60 -44.20 3.45 9.64
CA THR A 60 -43.37 4.46 9.00
C THR A 60 -43.51 5.81 9.72
N GLU A 61 -42.46 6.64 9.63
CA GLU A 61 -42.53 8.03 10.04
C GLU A 61 -41.87 8.91 8.98
N TYR A 62 -42.29 10.18 8.89
CA TYR A 62 -41.82 11.05 7.84
C TYR A 62 -41.44 12.44 8.36
N ALA A 63 -40.41 13.01 7.73
CA ALA A 63 -40.07 14.42 7.96
C ALA A 63 -41.28 15.31 7.66
N ALA A 64 -41.34 16.47 8.32
CA ALA A 64 -42.49 17.35 8.14
C ALA A 64 -42.61 17.84 6.70
N SER A 65 -41.49 18.03 6.01
CA SER A 65 -41.55 18.56 4.66
C SER A 65 -42.09 17.55 3.63
N VAL A 66 -42.20 16.27 3.98
CA VAL A 66 -42.67 15.27 3.02
C VAL A 66 -43.91 14.53 3.50
N LYS A 67 -44.30 14.67 4.76
CA LYS A 67 -45.48 13.98 5.26
C LYS A 67 -46.66 14.27 4.37
N GLY A 68 -47.39 13.21 3.99
CA GLY A 68 -48.51 13.33 3.10
C GLY A 68 -48.18 13.15 1.64
N ARG A 69 -46.91 13.25 1.25
CA ARG A 69 -46.51 13.09 -0.15
C ARG A 69 -45.69 11.83 -0.38
N PHE A 70 -44.79 11.48 0.54
CA PHE A 70 -43.95 10.30 0.41
C PHE A 70 -44.53 9.14 1.20
N SER A 71 -44.15 7.93 0.81
CA SER A 71 -44.54 6.72 1.53
C SER A 71 -43.48 5.65 1.32
N ILE A 72 -43.25 4.87 2.37
CA ILE A 72 -42.22 3.84 2.41
C ILE A 72 -42.89 2.48 2.48
N LEU A 73 -42.42 1.55 1.66
CA LEU A 73 -42.86 0.17 1.71
C LEU A 73 -41.64 -0.75 1.75
N ARG A 74 -41.83 -1.93 2.30
CA ARG A 74 -40.73 -2.90 2.39
C ARG A 74 -41.26 -4.29 2.02
N ASP A 75 -40.41 -5.08 1.38
CA ASP A 75 -40.68 -6.48 1.02
C ASP A 75 -39.56 -7.31 1.61
N ASP A 76 -39.78 -7.87 2.80
CA ASP A 76 -38.70 -8.59 3.47
C ASP A 76 -38.27 -9.82 2.69
N SER A 77 -39.20 -10.49 1.99
CA SER A 77 -38.84 -11.70 1.25
C SER A 77 -37.80 -11.42 0.17
N LYS A 78 -37.74 -10.20 -0.34
CA LYS A 78 -36.77 -9.85 -1.38
C LYS A 78 -35.68 -8.93 -0.88
N SER A 79 -35.65 -8.63 0.42
CA SER A 79 -34.65 -7.73 0.99
C SER A 79 -34.57 -6.43 0.19
N ILE A 80 -35.74 -5.79 0.03
CA ILE A 80 -35.88 -4.55 -0.71
C ILE A 80 -36.87 -3.64 0.02
N ALA A 81 -36.70 -2.33 -0.16
CA ALA A 81 -37.69 -1.36 0.29
C ALA A 81 -37.81 -0.26 -0.77
N HIS A 82 -38.93 0.47 -0.72
CA HIS A 82 -39.19 1.50 -1.71
C HIS A 82 -39.53 2.81 -1.01
N LEU A 83 -39.17 3.89 -1.67
CA LEU A 83 -39.63 5.23 -1.33
C LEU A 83 -40.51 5.72 -2.49
N GLN A 84 -41.81 5.82 -2.24
CA GLN A 84 -42.78 6.32 -3.21
C GLN A 84 -42.96 7.82 -3.00
N MET A 85 -42.64 8.61 -4.02
CA MET A 85 -42.69 10.07 -3.91
C MET A 85 -43.79 10.59 -4.79
N ASN A 86 -44.79 11.21 -4.18
CA ASN A 86 -45.90 11.80 -4.89
C ASN A 86 -45.85 13.32 -4.74
N SER A 87 -46.46 14.02 -5.71
CA SER A 87 -46.60 15.47 -5.67
C SER A 87 -45.26 16.15 -5.44
N LEU A 88 -44.31 15.84 -6.32
CA LEU A 88 -42.94 16.30 -6.13
C LEU A 88 -42.85 17.81 -6.34
N LYS A 89 -41.98 18.43 -5.55
CA LYS A 89 -41.70 19.85 -5.60
C LYS A 89 -40.24 20.06 -5.97
N ILE A 90 -39.94 21.25 -6.52
CA ILE A 90 -38.57 21.55 -6.90
C ILE A 90 -37.61 21.37 -5.73
N GLU A 91 -38.03 21.73 -4.52
CA GLU A 91 -37.15 21.61 -3.36
C GLU A 91 -36.85 20.16 -2.98
N ASP A 92 -37.56 19.18 -3.56
CA ASP A 92 -37.25 17.79 -3.31
C ASP A 92 -35.99 17.33 -4.03
N THR A 93 -35.46 18.16 -4.94
CA THR A 93 -34.27 17.80 -5.70
C THR A 93 -33.10 17.53 -4.77
N ALA A 94 -32.55 16.33 -4.83
CA ALA A 94 -31.52 15.94 -3.91
C ALA A 94 -31.02 14.57 -4.31
N VAL A 95 -29.89 14.19 -3.72
CA VAL A 95 -29.40 12.82 -3.73
C VAL A 95 -30.07 12.09 -2.57
N TYR A 96 -30.73 10.98 -2.87
CA TYR A 96 -31.44 10.23 -1.84
C TYR A 96 -30.63 9.01 -1.47
N TYR A 97 -30.53 8.74 -0.16
CA TYR A 97 -29.87 7.56 0.38
C TYR A 97 -30.84 6.69 1.16
N CYS A 98 -30.62 5.39 1.10
CA CYS A 98 -31.17 4.48 2.10
C CYS A 98 -30.04 3.90 2.94
N THR A 99 -30.37 3.53 4.16
CA THR A 99 -29.41 3.10 5.16
C THR A 99 -29.99 1.97 5.99
N ARG A 100 -29.10 1.18 6.56
CA ARG A 100 -29.44 0.17 7.56
C ARG A 100 -28.94 0.61 8.93
N ASN A 101 -29.74 0.33 9.97
CA ASN A 101 -29.37 0.69 11.33
C ASN A 101 -28.72 -0.51 12.04
N GLY A 102 -27.48 -0.83 11.61
CA GLY A 102 -26.77 -1.98 12.19
C GLY A 102 -26.52 -1.85 13.68
N LEU A 103 -26.32 -0.62 14.16
CA LEU A 103 -26.10 -0.33 15.57
C LEU A 103 -27.39 0.16 16.21
N ARG A 104 -27.84 -0.54 17.27
CA ARG A 104 -29.06 -0.20 18.00
C ARG A 104 -28.88 -0.47 19.48
N TRP A 105 -29.48 0.38 20.31
CA TRP A 105 -29.56 0.07 21.72
C TRP A 105 -30.90 0.54 22.26
N TYR A 106 -31.29 -0.11 23.35
CA TYR A 106 -32.61 -0.01 23.94
C TYR A 106 -32.48 0.06 25.46
N ASP A 107 -33.47 0.68 26.09
CA ASP A 107 -33.70 0.47 27.52
C ASP A 107 -35.14 -0.04 27.69
N SER A 108 -35.62 -0.05 28.93
CA SER A 108 -36.97 -0.56 29.18
C SER A 108 -38.04 0.24 28.41
N SER A 109 -37.74 1.48 28.01
CA SER A 109 -38.71 2.35 27.35
C SER A 109 -38.77 2.14 25.85
N GLY A 110 -37.89 1.31 25.29
CA GLY A 110 -37.85 1.08 23.86
C GLY A 110 -36.51 1.52 23.27
N PRO A 111 -36.47 1.67 21.94
CA PRO A 111 -35.23 2.13 21.27
C PRO A 111 -34.76 3.48 21.81
N ARG A 112 -33.45 3.59 22.05
CA ARG A 112 -32.86 4.86 22.46
C ARG A 112 -32.16 5.58 21.32
N GLY A 113 -31.53 4.84 20.40
CA GLY A 113 -30.77 5.44 19.33
C GLY A 113 -30.28 4.39 18.35
N TRP A 114 -29.95 4.87 17.15
CA TRP A 114 -29.35 4.07 16.09
C TRP A 114 -28.14 4.79 15.51
N ALA A 115 -27.22 4.01 14.94
CA ALA A 115 -26.19 4.50 14.04
C ALA A 115 -26.28 3.74 12.72
N PHE A 116 -25.94 4.42 11.61
CA PHE A 116 -26.23 3.94 10.26
C PHE A 116 -24.96 3.41 9.60
N ASP A 117 -24.77 2.10 9.70
CA ASP A 117 -23.47 1.54 9.38
C ASP A 117 -23.35 1.09 7.92
N ILE A 118 -24.43 1.11 7.16
CA ILE A 118 -24.36 0.89 5.72
C ILE A 118 -25.21 1.93 5.02
N TRP A 119 -24.64 2.58 4.01
CA TRP A 119 -25.35 3.50 3.12
C TRP A 119 -25.20 3.03 1.68
N GLY A 120 -26.25 3.21 0.87
CA GLY A 120 -26.12 3.04 -0.57
C GLY A 120 -25.37 4.20 -1.22
N PRO A 121 -24.96 4.01 -2.48
CA PRO A 121 -24.21 5.07 -3.17
C PRO A 121 -25.02 6.33 -3.42
N GLY A 122 -26.34 6.30 -3.27
CA GLY A 122 -27.18 7.45 -3.53
C GLY A 122 -27.81 7.42 -4.92
N THR A 123 -28.95 8.10 -5.07
CA THR A 123 -29.56 8.25 -6.40
C THR A 123 -30.14 9.66 -6.50
N LEU A 124 -29.79 10.36 -7.57
CA LEU A 124 -30.14 11.77 -7.72
C LEU A 124 -31.55 11.91 -8.30
N VAL A 125 -32.36 12.75 -7.66
CA VAL A 125 -33.72 13.03 -8.10
C VAL A 125 -33.79 14.49 -8.46
N VAL A 126 -34.16 14.79 -9.69
CA VAL A 126 -34.23 16.17 -10.16
C VAL A 126 -35.68 16.47 -10.51
N VAL A 127 -36.31 17.38 -9.77
CA VAL A 127 -37.66 17.83 -10.04
C VAL A 127 -37.59 19.17 -10.74
N SER A 128 -38.00 19.20 -11.99
CA SER A 128 -37.95 20.41 -12.80
C SER A 128 -38.98 20.27 -13.92
N SER A 129 -39.52 21.41 -14.37
CA SER A 129 -40.35 21.37 -15.56
C SER A 129 -39.53 21.41 -16.85
N ALA A 130 -38.22 21.65 -16.78
CA ALA A 130 -37.45 21.69 -18.02
C ALA A 130 -37.38 20.28 -18.60
N SER A 131 -37.31 20.20 -19.93
CA SER A 131 -37.28 18.92 -20.61
C SER A 131 -35.87 18.36 -20.67
N THR A 132 -35.77 17.03 -20.63
CA THR A 132 -34.48 16.34 -20.72
C THR A 132 -33.82 16.59 -22.08
N LYS A 133 -32.49 16.58 -22.07
CA LYS A 133 -31.74 16.79 -23.29
C LYS A 133 -30.40 16.09 -23.14
N GLY A 134 -30.08 15.21 -24.09
CA GLY A 134 -28.84 14.48 -24.10
C GLY A 134 -27.66 15.33 -24.49
N PRO A 135 -26.47 14.93 -24.06
CA PRO A 135 -25.27 15.75 -24.33
C PRO A 135 -24.70 15.47 -25.70
N SER A 136 -24.00 16.48 -26.23
CA SER A 136 -23.04 16.26 -27.31
C SER A 136 -21.69 15.92 -26.72
N VAL A 137 -21.00 14.96 -27.35
CA VAL A 137 -19.69 14.50 -26.91
C VAL A 137 -18.69 14.82 -28.00
N PHE A 138 -17.75 15.71 -27.69
CA PHE A 138 -16.69 16.13 -28.57
C PHE A 138 -15.33 15.71 -28.03
N PRO A 139 -14.42 15.26 -28.89
CA PRO A 139 -13.10 14.84 -28.41
C PRO A 139 -12.24 16.05 -28.06
N LEU A 140 -11.44 15.90 -27.01
CA LEU A 140 -10.36 16.85 -26.71
C LEU A 140 -9.08 16.19 -27.21
N ALA A 141 -8.64 16.56 -28.45
CA ALA A 141 -7.61 15.79 -29.14
C ALA A 141 -6.22 16.08 -28.57
N PRO A 142 -5.43 15.07 -28.28
CA PRO A 142 -4.04 15.30 -27.86
C PRO A 142 -3.18 15.75 -29.04
N SER A 143 -2.20 16.60 -28.73
CA SER A 143 -1.34 17.23 -29.73
C SER A 143 -0.09 17.70 -29.01
N SER A 144 0.91 18.15 -29.77
CA SER A 144 2.06 18.79 -29.14
C SER A 144 1.61 19.87 -28.18
N LYS A 145 0.40 20.40 -28.36
CA LYS A 145 -0.12 21.48 -27.54
C LYS A 145 -0.66 20.98 -26.21
N SER A 146 -0.88 19.67 -26.08
CA SER A 146 -1.30 19.06 -24.84
C SER A 146 -0.34 17.97 -24.38
N THR A 147 0.96 18.14 -24.64
CA THR A 147 1.93 17.17 -24.19
C THR A 147 3.02 17.90 -23.43
N SER A 148 3.41 17.32 -22.31
CA SER A 148 4.36 17.94 -21.39
C SER A 148 5.33 16.84 -20.97
N GLY A 149 6.58 16.94 -21.41
CA GLY A 149 7.59 16.04 -20.90
C GLY A 149 7.32 14.56 -21.10
N GLY A 150 6.87 14.16 -22.28
CA GLY A 150 6.60 12.76 -22.49
C GLY A 150 5.25 12.30 -22.02
N THR A 151 4.45 13.21 -21.46
CA THR A 151 3.09 12.95 -21.03
C THR A 151 2.13 13.75 -21.90
N ALA A 152 1.05 13.12 -22.35
CA ALA A 152 0.06 13.80 -23.16
C ALA A 152 -1.29 13.75 -22.47
N ALA A 153 -2.06 14.82 -22.63
CA ALA A 153 -3.42 14.88 -22.11
C ALA A 153 -4.42 14.78 -23.24
N LEU A 154 -5.51 14.08 -23.00
CA LEU A 154 -6.62 13.99 -23.95
C LEU A 154 -7.92 13.86 -23.17
N GLY A 155 -9.04 14.01 -23.86
CA GLY A 155 -10.30 13.84 -23.16
C GLY A 155 -11.53 14.02 -24.04
N CYS A 156 -12.65 14.22 -23.34
CA CYS A 156 -13.98 14.33 -23.91
C CYS A 156 -14.69 15.52 -23.29
N LEU A 157 -15.32 16.31 -24.13
CA LEU A 157 -16.16 17.42 -23.72
C LEU A 157 -17.61 16.98 -23.85
N VAL A 158 -18.31 16.92 -22.73
CA VAL A 158 -19.70 16.49 -22.68
C VAL A 158 -20.52 17.77 -22.49
N LYS A 159 -21.18 18.23 -23.55
CA LYS A 159 -21.72 19.59 -23.58
C LYS A 159 -23.24 19.58 -23.70
N ASP A 160 -23.88 20.50 -22.97
CA ASP A 160 -25.27 20.90 -23.19
C ASP A 160 -26.28 19.77 -22.95
N TYR A 161 -26.33 19.29 -21.72
CA TYR A 161 -27.24 18.23 -21.35
C TYR A 161 -28.04 18.66 -20.13
N PHE A 162 -29.14 17.96 -19.91
CA PHE A 162 -30.03 18.24 -18.79
C PHE A 162 -30.90 17.02 -18.49
N PRO A 163 -31.05 16.64 -17.22
CA PRO A 163 -30.41 17.18 -16.01
C PRO A 163 -29.13 16.44 -15.73
N GLU A 164 -28.55 16.69 -14.56
CA GLU A 164 -27.51 15.83 -14.04
C GLU A 164 -28.08 14.46 -13.71
N PRO A 165 -27.23 13.44 -13.64
CA PRO A 165 -25.77 13.44 -13.85
C PRO A 165 -25.40 12.78 -15.17
N VAL A 166 -24.15 12.93 -15.58
CA VAL A 166 -23.55 12.06 -16.58
C VAL A 166 -22.40 11.33 -15.91
N THR A 167 -22.17 10.10 -16.34
CA THR A 167 -21.00 9.36 -15.91
C THR A 167 -20.05 9.20 -17.09
N VAL A 168 -18.75 9.16 -16.78
CA VAL A 168 -17.71 9.05 -17.78
C VAL A 168 -16.67 8.05 -17.30
N SER A 169 -16.33 7.10 -18.14
CA SER A 169 -15.22 6.19 -17.86
C SER A 169 -14.38 6.09 -19.13
N TRP A 170 -13.26 5.37 -19.03
CA TRP A 170 -12.33 5.30 -20.13
C TRP A 170 -12.02 3.85 -20.45
N ASN A 171 -12.09 3.51 -21.74
CA ASN A 171 -11.88 2.13 -22.19
C ASN A 171 -12.65 1.15 -21.32
N SER A 172 -13.95 1.40 -21.19
CA SER A 172 -14.86 0.54 -20.43
C SER A 172 -14.40 0.34 -19.01
N GLY A 173 -13.62 1.26 -18.46
CA GLY A 173 -13.20 1.17 -17.07
C GLY A 173 -11.80 0.62 -16.85
N ALA A 174 -11.15 0.11 -17.90
CA ALA A 174 -9.79 -0.40 -17.78
C ALA A 174 -8.75 0.71 -17.59
N LEU A 175 -9.06 1.95 -17.98
CA LEU A 175 -8.17 3.09 -17.82
C LEU A 175 -8.71 3.95 -16.67
N THR A 176 -8.01 3.97 -15.53
CA THR A 176 -8.50 4.79 -14.43
C THR A 176 -7.44 5.74 -13.91
N SER A 177 -6.19 5.39 -14.14
CA SER A 177 -5.09 6.19 -13.63
C SER A 177 -4.98 7.50 -14.40
N GLY A 178 -4.81 8.60 -13.67
CA GLY A 178 -4.65 9.92 -14.27
C GLY A 178 -5.93 10.53 -14.80
N VAL A 179 -7.09 9.92 -14.55
CA VAL A 179 -8.35 10.46 -15.05
C VAL A 179 -8.86 11.55 -14.11
N HIS A 180 -9.30 12.68 -14.68
CA HIS A 180 -10.03 13.70 -13.93
C HIS A 180 -11.31 14.01 -14.68
N THR A 181 -12.43 13.63 -14.11
CA THR A 181 -13.73 14.07 -14.59
C THR A 181 -14.15 15.25 -13.73
N PHE A 182 -14.42 16.39 -14.38
CA PHE A 182 -14.68 17.65 -13.69
C PHE A 182 -16.15 17.76 -13.28
N PRO A 183 -16.44 18.51 -12.22
CA PRO A 183 -17.84 18.79 -11.89
C PRO A 183 -18.51 19.54 -13.03
N ALA A 184 -19.78 19.21 -13.27
CA ALA A 184 -20.51 19.91 -14.30
C ALA A 184 -20.69 21.36 -13.88
N VAL A 185 -20.67 22.25 -14.86
CA VAL A 185 -21.02 23.65 -14.65
C VAL A 185 -22.35 23.94 -15.34
N LEU A 186 -23.15 24.77 -14.70
CA LEU A 186 -24.45 25.13 -15.24
C LEU A 186 -24.28 26.38 -16.08
N GLN A 187 -24.50 26.26 -17.38
CA GLN A 187 -24.36 27.38 -18.30
C GLN A 187 -25.59 28.27 -18.25
N SER A 188 -25.48 29.47 -18.82
CA SER A 188 -26.62 30.38 -18.78
C SER A 188 -27.79 29.86 -19.58
N SER A 189 -27.55 28.91 -20.50
CA SER A 189 -28.65 28.24 -21.16
C SER A 189 -29.48 27.39 -20.22
N GLY A 190 -29.04 27.17 -18.99
CA GLY A 190 -29.68 26.21 -18.12
C GLY A 190 -29.27 24.77 -18.38
N LEU A 191 -28.41 24.52 -19.36
CA LEU A 191 -27.89 23.20 -19.68
C LEU A 191 -26.55 23.02 -18.99
N TYR A 192 -26.20 21.77 -18.72
CA TYR A 192 -24.94 21.43 -18.08
C TYR A 192 -23.86 21.08 -19.10
N SER A 193 -22.62 21.13 -18.64
CA SER A 193 -21.49 20.82 -19.50
C SER A 193 -20.30 20.44 -18.62
N LEU A 194 -19.59 19.38 -18.98
CA LEU A 194 -18.43 18.94 -18.21
C LEU A 194 -17.38 18.38 -19.14
N SER A 195 -16.19 18.23 -18.61
CA SER A 195 -15.08 17.66 -19.35
C SER A 195 -14.47 16.52 -18.56
N SER A 196 -13.99 15.50 -19.28
CA SER A 196 -13.21 14.43 -18.68
C SER A 196 -11.86 14.32 -19.41
N VAL A 197 -10.79 14.24 -18.63
CA VAL A 197 -9.45 14.24 -19.18
C VAL A 197 -8.67 13.08 -18.55
N VAL A 198 -7.61 12.68 -19.23
CA VAL A 198 -6.69 11.65 -18.76
C VAL A 198 -5.34 11.94 -19.38
N THR A 199 -4.26 11.76 -18.60
CA THR A 199 -2.90 11.89 -19.11
C THR A 199 -2.28 10.52 -19.34
N VAL A 200 -1.56 10.37 -20.45
CA VAL A 200 -0.97 9.09 -20.82
C VAL A 200 0.40 9.34 -21.43
N PRO A 201 1.21 8.32 -21.64
CA PRO A 201 2.53 8.52 -22.26
C PRO A 201 2.38 8.95 -23.72
N SER A 202 3.11 9.99 -24.09
CA SER A 202 3.11 10.42 -25.49
C SER A 202 3.34 9.25 -26.43
N SER A 203 4.18 8.30 -26.03
CA SER A 203 4.54 7.17 -26.89
C SER A 203 3.36 6.27 -27.17
N SER A 204 2.27 6.38 -26.43
CA SER A 204 1.12 5.52 -26.64
C SER A 204 0.08 6.12 -27.59
N LEU A 205 0.19 7.39 -27.93
CA LEU A 205 -0.84 8.02 -28.74
C LEU A 205 -0.92 7.35 -30.11
N GLY A 206 0.21 6.93 -30.65
CA GLY A 206 0.20 6.31 -31.95
C GLY A 206 -0.27 4.87 -32.00
N THR A 207 -0.51 4.23 -30.85
CA THR A 207 -0.83 2.81 -30.83
C THR A 207 -2.01 2.41 -29.96
N GLN A 208 -2.30 3.17 -28.91
CA GLN A 208 -3.29 2.79 -27.91
C GLN A 208 -4.63 3.45 -28.20
N THR A 209 -5.68 2.63 -28.22
CA THR A 209 -7.03 3.17 -28.37
C THR A 209 -7.49 3.81 -27.07
N TYR A 210 -8.01 5.03 -27.14
CA TYR A 210 -8.62 5.71 -26.02
C TYR A 210 -10.04 6.08 -26.42
N ILE A 211 -11.00 5.50 -25.70
CA ILE A 211 -12.43 5.72 -25.90
C ILE A 211 -13.00 6.19 -24.58
N CYS A 212 -13.74 7.30 -24.60
CA CYS A 212 -14.46 7.71 -23.41
C CYS A 212 -15.88 7.19 -23.50
N ASN A 213 -16.35 6.57 -22.41
CA ASN A 213 -17.68 6.00 -22.32
C ASN A 213 -18.54 6.97 -21.51
N VAL A 214 -19.47 7.64 -22.19
CA VAL A 214 -20.35 8.64 -21.61
C VAL A 214 -21.73 8.03 -21.50
N ASN A 215 -22.35 8.20 -20.33
CA ASN A 215 -23.70 7.72 -20.11
C ASN A 215 -24.55 8.81 -19.46
N HIS A 216 -25.67 9.15 -20.10
CA HIS A 216 -26.65 10.13 -19.58
C HIS A 216 -28.00 9.42 -19.49
N LYS A 217 -28.25 8.79 -18.34
CA LYS A 217 -29.46 7.99 -18.16
C LYS A 217 -30.75 8.76 -18.40
N PRO A 218 -30.95 9.97 -17.85
CA PRO A 218 -32.23 10.67 -18.09
C PRO A 218 -32.63 10.78 -19.54
N SER A 219 -31.67 10.74 -20.46
CA SER A 219 -31.98 10.89 -21.87
C SER A 219 -31.74 9.62 -22.67
N ASN A 220 -31.45 8.51 -22.00
CA ASN A 220 -31.05 7.28 -22.67
C ASN A 220 -29.95 7.52 -23.71
N THR A 221 -28.94 8.25 -23.30
CA THR A 221 -27.80 8.51 -24.16
C THR A 221 -26.60 7.73 -23.64
N LYS A 222 -26.10 6.83 -24.47
CA LYS A 222 -24.83 6.17 -24.26
C LYS A 222 -23.95 6.50 -25.46
N VAL A 223 -22.74 6.99 -25.21
CA VAL A 223 -21.78 7.31 -26.27
C VAL A 223 -20.42 6.72 -25.91
N ASP A 224 -19.77 6.05 -26.87
CA ASP A 224 -18.40 5.57 -26.69
C ASP A 224 -17.56 6.18 -27.80
N LYS A 225 -16.95 7.33 -27.52
CA LYS A 225 -16.23 8.13 -28.52
C LYS A 225 -14.74 7.84 -28.47
N LYS A 226 -14.19 7.41 -29.59
CA LYS A 226 -12.75 7.23 -29.69
C LYS A 226 -12.07 8.59 -29.88
N VAL A 227 -10.99 8.82 -29.13
CA VAL A 227 -10.29 10.09 -29.16
C VAL A 227 -9.01 9.90 -29.97
N GLU A 228 -8.86 10.72 -31.05
CA GLU A 228 -7.83 10.50 -32.07
C GLU A 228 -6.76 11.57 -31.93
N PRO A 229 -5.48 11.19 -31.98
CA PRO A 229 -4.41 12.21 -31.93
C PRO A 229 -4.50 13.19 -33.08
N LYS A 230 -4.20 14.44 -32.79
CA LYS A 230 -3.94 15.43 -33.82
C LYS A 230 -2.42 15.52 -34.05
N SER A 231 -2.02 16.14 -35.16
CA SER A 231 -0.62 16.14 -35.54
C SER A 231 0.10 17.44 -35.23
N CYS A 232 -0.63 18.52 -34.97
CA CYS A 232 0.00 19.77 -34.56
C CYS A 232 0.68 19.60 -33.19
N GLU B 1 -35.06 19.42 21.25
CA GLU B 1 -34.19 18.74 20.30
C GLU B 1 -32.74 18.80 20.75
N ILE B 2 -31.86 18.04 20.09
CA ILE B 2 -30.43 18.09 20.38
C ILE B 2 -29.70 18.53 19.13
N VAL B 3 -29.04 19.68 19.21
CA VAL B 3 -28.31 20.26 18.10
C VAL B 3 -26.85 19.82 18.18
N MET B 4 -26.28 19.46 17.03
CA MET B 4 -24.84 19.22 16.90
C MET B 4 -24.18 20.45 16.29
N THR B 5 -23.17 20.97 16.97
CA THR B 5 -22.34 22.07 16.49
C THR B 5 -20.94 21.52 16.21
N GLN B 6 -20.44 21.75 15.00
CA GLN B 6 -19.14 21.26 14.56
C GLN B 6 -18.21 22.42 14.23
N SER B 7 -16.96 22.34 14.72
CA SER B 7 -15.96 23.39 14.57
C SER B 7 -14.59 22.80 14.26
N PRO B 8 -13.83 23.45 13.37
CA PRO B 8 -14.26 24.57 12.52
C PRO B 8 -15.04 24.01 11.34
N ALA B 9 -15.60 24.86 10.47
CA ALA B 9 -16.24 24.35 9.26
C ALA B 9 -15.22 23.75 8.28
N THR B 10 -14.00 24.28 8.29
CA THR B 10 -12.91 23.84 7.43
C THR B 10 -11.63 23.79 8.22
N VAL B 11 -10.83 22.77 7.96
CA VAL B 11 -9.54 22.54 8.61
C VAL B 11 -8.50 22.21 7.54
N SER B 12 -7.33 22.86 7.61
CA SER B 12 -6.27 22.60 6.63
C SER B 12 -5.03 22.10 7.37
N VAL B 13 -4.78 20.80 7.28
CA VAL B 13 -3.69 20.14 7.98
C VAL B 13 -2.69 19.57 6.98
N SER B 14 -1.42 19.71 7.27
CA SER B 14 -0.39 19.19 6.39
C SER B 14 -0.37 17.66 6.44
N PRO B 15 0.09 17.02 5.37
CA PRO B 15 0.14 15.55 5.33
C PRO B 15 0.98 14.97 6.46
N GLY B 16 0.44 13.96 7.13
CA GLY B 16 1.12 13.28 8.20
C GLY B 16 1.09 13.98 9.53
N GLU B 17 0.55 15.19 9.59
CA GLU B 17 0.35 15.86 10.86
C GLU B 17 -1.01 15.42 11.42
N ARG B 18 -1.46 16.02 12.52
CA ARG B 18 -2.63 15.55 13.25
C ARG B 18 -3.79 16.49 13.05
N ALA B 19 -4.95 15.94 12.70
CA ALA B 19 -6.17 16.72 12.52
C ALA B 19 -7.06 16.53 13.74
N THR B 20 -7.64 17.63 14.23
CA THR B 20 -8.51 17.60 15.40
C THR B 20 -9.82 18.30 15.08
N LEU B 21 -10.92 17.53 15.12
CA LEU B 21 -12.25 18.03 14.82
C LEU B 21 -13.11 18.02 16.08
N SER B 22 -13.95 19.05 16.22
CA SER B 22 -14.75 19.23 17.42
C SER B 22 -16.22 19.03 17.11
N CYS B 23 -16.88 18.21 17.93
CA CYS B 23 -18.33 18.14 17.92
C CYS B 23 -18.84 18.42 19.32
N ARG B 24 -19.84 19.28 19.40
CA ARG B 24 -20.45 19.68 20.66
C ARG B 24 -21.95 19.50 20.53
N THR B 25 -22.57 18.90 21.53
CA THR B 25 -24.00 18.65 21.51
C THR B 25 -24.65 19.63 22.45
N SER B 26 -25.84 20.12 22.06
CA SER B 26 -26.50 21.14 22.87
C SER B 26 -26.88 20.63 24.24
N GLN B 27 -27.00 19.32 24.41
CA GLN B 27 -27.17 18.73 25.73
C GLN B 27 -26.39 17.43 25.79
N SER B 28 -26.20 16.95 27.01
CA SER B 28 -25.40 15.75 27.19
C SER B 28 -26.03 14.58 26.45
N VAL B 29 -25.20 13.83 25.72
CA VAL B 29 -25.58 12.58 25.08
C VAL B 29 -24.72 11.43 25.58
N SER B 30 -24.08 11.58 26.73
CA SER B 30 -23.29 10.49 27.31
C SER B 30 -22.16 10.14 26.33
N ASN B 31 -22.01 8.88 25.90
CA ASN B 31 -21.06 8.59 24.84
C ASN B 31 -21.73 8.09 23.56
N LYS B 32 -23.04 8.30 23.41
CA LYS B 32 -23.77 7.83 22.23
C LYS B 32 -23.56 8.80 21.07
N LEU B 33 -22.35 8.79 20.53
CA LEU B 33 -22.00 9.78 19.52
C LEU B 33 -21.24 9.07 18.39
N ALA B 34 -21.67 9.27 17.15
CA ALA B 34 -21.04 8.61 16.02
C ALA B 34 -20.43 9.66 15.10
N TRP B 35 -19.33 9.27 14.45
CA TRP B 35 -18.67 10.07 13.43
C TRP B 35 -18.77 9.37 12.07
N TYR B 36 -19.03 10.16 11.03
CA TYR B 36 -19.11 9.68 9.66
C TYR B 36 -18.18 10.48 8.77
N GLN B 37 -17.61 9.79 7.78
CA GLN B 37 -16.75 10.38 6.78
C GLN B 37 -17.41 10.29 5.41
N GLN B 38 -17.51 11.42 4.71
CA GLN B 38 -18.12 11.42 3.38
C GLN B 38 -17.14 12.00 2.38
N LYS B 39 -16.60 11.14 1.52
CA LYS B 39 -15.68 11.54 0.47
C LYS B 39 -16.44 12.01 -0.78
N PRO B 40 -15.79 12.82 -1.61
CA PRO B 40 -16.48 13.42 -2.76
C PRO B 40 -17.14 12.36 -3.61
N GLY B 41 -18.41 12.58 -3.95
CA GLY B 41 -19.17 11.70 -4.83
C GLY B 41 -19.55 10.37 -4.21
N GLN B 42 -19.41 10.25 -2.89
CA GLN B 42 -19.71 9.00 -2.22
C GLN B 42 -20.73 9.24 -1.14
N ALA B 43 -21.33 8.14 -0.64
CA ALA B 43 -22.18 8.21 0.53
C ALA B 43 -21.32 8.40 1.77
N PRO B 44 -21.91 8.74 2.90
CA PRO B 44 -21.16 8.71 4.16
C PRO B 44 -20.76 7.29 4.50
N ARG B 45 -19.71 7.17 5.29
CA ARG B 45 -19.24 5.92 5.84
C ARG B 45 -19.08 6.08 7.35
N LEU B 46 -19.56 5.10 8.10
CA LEU B 46 -19.45 5.13 9.55
C LEU B 46 -18.01 4.96 10.00
N LEU B 47 -17.53 5.92 10.80
CA LEU B 47 -16.15 5.96 11.28
C LEU B 47 -16.02 5.44 12.71
N ILE B 48 -16.71 6.10 13.65
CA ILE B 48 -16.63 5.83 15.08
C ILE B 48 -18.05 5.71 15.60
N TYR B 49 -18.27 4.80 16.55
CA TYR B 49 -19.49 4.81 17.33
C TYR B 49 -19.13 4.68 18.81
N GLY B 50 -20.12 4.93 19.66
CA GLY B 50 -19.78 4.95 21.07
C GLY B 50 -18.73 5.97 21.40
N ALA B 51 -18.59 7.00 20.56
CA ALA B 51 -17.67 8.09 20.79
C ALA B 51 -16.21 7.69 20.52
N SER B 52 -15.83 6.45 20.82
CA SER B 52 -14.43 6.07 20.77
C SER B 52 -14.16 4.73 20.12
N THR B 53 -15.19 4.04 19.61
CA THR B 53 -15.02 2.71 19.03
C THR B 53 -15.00 2.81 17.51
N ARG B 54 -13.93 2.30 16.90
CA ARG B 54 -13.77 2.35 15.45
C ARG B 54 -14.62 1.29 14.76
N ALA B 55 -15.20 1.67 13.63
CA ALA B 55 -15.99 0.74 12.86
C ALA B 55 -15.10 -0.30 12.21
N THR B 56 -15.73 -1.33 11.66
CA THR B 56 -15.01 -2.35 10.91
C THR B 56 -14.28 -1.73 9.73
N GLY B 57 -13.00 -2.09 9.59
CA GLY B 57 -12.20 -1.63 8.47
C GLY B 57 -11.82 -0.17 8.49
N ILE B 58 -11.79 0.45 9.67
CA ILE B 58 -11.43 1.85 9.82
C ILE B 58 -9.98 1.89 10.31
N PRO B 59 -9.06 2.55 9.61
CA PRO B 59 -7.66 2.51 10.01
C PRO B 59 -7.45 3.04 11.42
N ALA B 60 -6.36 2.59 12.05
CA ALA B 60 -6.12 2.92 13.44
C ALA B 60 -5.83 4.40 13.66
N ARG B 61 -5.41 5.13 12.63
CA ARG B 61 -5.04 6.52 12.82
C ARG B 61 -6.25 7.41 13.09
N PHE B 62 -7.48 6.89 12.92
CA PHE B 62 -8.69 7.59 13.35
C PHE B 62 -9.03 7.24 14.79
N SER B 63 -9.32 8.26 15.61
CA SER B 63 -9.75 7.96 16.97
C SER B 63 -10.65 9.07 17.49
N GLY B 64 -11.68 8.67 18.23
CA GLY B 64 -12.58 9.64 18.84
C GLY B 64 -12.56 9.56 20.35
N SER B 65 -12.91 10.66 21.01
CA SER B 65 -12.96 10.68 22.46
C SER B 65 -13.93 11.76 22.90
N GLY B 66 -14.14 11.83 24.21
CA GLY B 66 -15.09 12.77 24.79
C GLY B 66 -16.36 12.08 25.23
N SER B 67 -17.10 12.81 26.05
CA SER B 67 -18.38 12.36 26.59
C SER B 67 -19.15 13.59 27.04
N GLY B 68 -20.47 13.42 27.16
CA GLY B 68 -21.33 14.52 27.59
C GLY B 68 -21.66 15.42 26.42
N THR B 69 -20.96 16.56 26.29
CA THR B 69 -21.25 17.51 25.24
C THR B 69 -20.05 17.89 24.36
N GLN B 70 -18.83 17.53 24.73
CA GLN B 70 -17.63 17.84 23.95
C GLN B 70 -17.01 16.55 23.45
N PHE B 71 -16.92 16.42 22.13
CA PHE B 71 -16.38 15.24 21.48
C PHE B 71 -15.33 15.66 20.46
N THR B 72 -14.40 14.76 20.21
CA THR B 72 -13.25 15.05 19.35
C THR B 72 -13.01 13.87 18.42
N LEU B 73 -12.90 14.15 17.13
CA LEU B 73 -12.32 13.20 16.20
C LEU B 73 -10.86 13.60 15.96
N THR B 74 -9.96 12.64 16.11
CA THR B 74 -8.55 12.87 15.82
C THR B 74 -8.10 11.98 14.70
N ILE B 75 -7.43 12.57 13.73
CA ILE B 75 -6.85 11.84 12.61
C ILE B 75 -5.35 12.06 12.70
N SER B 76 -4.62 11.01 12.99
CA SER B 76 -3.16 11.09 13.10
C SER B 76 -2.54 10.78 11.76
N SER B 77 -1.35 11.33 11.53
CA SER B 77 -0.60 11.14 10.30
C SER B 77 -1.57 11.22 9.12
N LEU B 78 -2.14 12.41 8.92
CA LEU B 78 -3.15 12.59 7.89
C LEU B 78 -2.62 12.11 6.53
N GLN B 79 -3.44 11.30 5.85
CA GLN B 79 -3.23 10.83 4.48
C GLN B 79 -4.05 11.62 3.48
N SER B 80 -3.58 11.59 2.22
CA SER B 80 -4.30 12.27 1.16
C SER B 80 -5.71 11.73 1.00
N GLU B 81 -5.90 10.43 1.25
CA GLU B 81 -7.21 9.81 1.15
C GLU B 81 -8.16 10.25 2.28
N ASP B 82 -7.70 11.04 3.24
CA ASP B 82 -8.52 11.51 4.35
C ASP B 82 -9.28 12.79 4.01
N PHE B 83 -9.11 13.32 2.81
CA PHE B 83 -9.88 14.48 2.37
C PHE B 83 -11.35 14.12 2.23
N ALA B 84 -12.19 14.74 3.04
CA ALA B 84 -13.60 14.42 3.07
C ALA B 84 -14.27 15.42 3.99
N VAL B 85 -15.58 15.29 4.10
CA VAL B 85 -16.36 15.99 5.10
C VAL B 85 -16.71 14.97 6.18
N TYR B 86 -16.64 15.40 7.43
CA TYR B 86 -16.81 14.56 8.60
C TYR B 86 -18.04 15.05 9.37
N TYR B 87 -18.93 14.12 9.71
CA TYR B 87 -20.19 14.44 10.39
C TYR B 87 -20.27 13.72 11.73
N CYS B 88 -20.88 14.38 12.72
CA CYS B 88 -21.19 13.72 13.98
C CYS B 88 -22.68 13.56 14.12
N GLN B 89 -23.09 12.65 15.01
CA GLN B 89 -24.49 12.24 15.09
C GLN B 89 -24.69 11.60 16.45
N GLN B 90 -25.55 12.17 17.27
CA GLN B 90 -25.88 11.60 18.58
C GLN B 90 -27.02 10.59 18.47
N TYR B 91 -26.95 9.56 19.30
CA TYR B 91 -28.05 8.60 19.35
C TYR B 91 -28.31 8.19 20.78
N ASN B 92 -28.14 9.12 21.71
CA ASN B 92 -28.48 8.84 23.10
C ASN B 92 -29.93 9.16 23.39
N ASN B 93 -30.49 10.11 22.66
CA ASN B 93 -31.85 10.60 22.89
C ASN B 93 -32.63 10.56 21.58
N TRP B 94 -33.77 9.87 21.61
CA TRP B 94 -34.56 9.68 20.40
C TRP B 94 -35.04 11.02 19.84
N PRO B 95 -35.02 11.21 18.52
CA PRO B 95 -34.58 10.28 17.45
C PRO B 95 -33.12 10.49 17.05
N PRO B 96 -32.56 9.48 16.37
CA PRO B 96 -31.14 9.49 16.03
C PRO B 96 -30.78 10.06 14.67
N TRP B 97 -31.75 10.49 13.87
CA TRP B 97 -31.44 10.73 12.46
C TRP B 97 -31.10 12.20 12.17
N THR B 98 -30.24 12.77 12.99
CA THR B 98 -29.78 14.14 12.79
C THR B 98 -28.26 14.19 12.81
N PHE B 99 -27.70 14.94 11.87
CA PHE B 99 -26.26 15.14 11.76
C PHE B 99 -25.93 16.61 11.95
N GLY B 100 -24.74 16.89 12.47
CA GLY B 100 -24.20 18.24 12.43
C GLY B 100 -23.81 18.65 11.00
N ARG B 101 -23.53 19.95 10.84
CA ARG B 101 -23.27 20.49 9.51
C ARG B 101 -21.98 19.96 8.88
N GLY B 102 -21.10 19.34 9.65
CA GLY B 102 -19.92 18.72 9.06
C GLY B 102 -18.70 19.62 9.10
N THR B 103 -17.52 19.00 9.13
CA THR B 103 -16.26 19.70 9.03
C THR B 103 -15.51 19.13 7.83
N LYS B 104 -15.09 20.00 6.93
CA LYS B 104 -14.31 19.57 5.77
C LYS B 104 -12.83 19.59 6.12
N VAL B 105 -12.14 18.49 5.85
CA VAL B 105 -10.70 18.43 6.06
C VAL B 105 -10.01 18.58 4.72
N GLU B 106 -9.23 19.63 4.56
CA GLU B 106 -8.45 19.75 3.35
C GLU B 106 -6.98 19.61 3.70
N ILE B 107 -6.25 19.08 2.74
CA ILE B 107 -4.86 18.73 2.96
C ILE B 107 -3.99 19.87 2.47
N LYS B 108 -3.13 20.36 3.35
CA LYS B 108 -2.24 21.48 3.04
C LYS B 108 -0.91 20.84 2.66
N ARG B 109 -0.68 20.68 1.36
CA ARG B 109 0.53 20.05 0.88
C ARG B 109 1.50 21.10 0.35
N THR B 110 2.61 20.64 -0.21
CA THR B 110 3.56 21.57 -0.78
C THR B 110 3.00 22.21 -2.06
N VAL B 111 3.66 23.29 -2.48
CA VAL B 111 3.31 23.95 -3.73
C VAL B 111 3.58 23.01 -4.89
N ALA B 112 2.66 22.99 -5.86
CA ALA B 112 2.80 22.17 -7.04
C ALA B 112 2.36 23.02 -8.21
N ALA B 113 3.26 23.25 -9.16
CA ALA B 113 2.91 24.01 -10.33
C ALA B 113 2.04 23.16 -11.25
N PRO B 114 1.11 23.81 -11.97
CA PRO B 114 0.26 23.08 -12.90
C PRO B 114 0.97 22.78 -14.20
N SER B 115 0.59 21.65 -14.80
CA SER B 115 0.86 21.38 -16.20
C SER B 115 -0.29 21.93 -17.02
N VAL B 116 0.04 22.63 -18.11
CA VAL B 116 -0.93 23.43 -18.85
C VAL B 116 -1.05 22.84 -20.25
N PHE B 117 -2.27 22.54 -20.65
CA PHE B 117 -2.54 21.94 -21.94
C PHE B 117 -3.68 22.69 -22.62
N ILE B 118 -3.65 22.74 -23.93
CA ILE B 118 -4.70 23.42 -24.68
C ILE B 118 -5.26 22.47 -25.72
N PHE B 119 -6.58 22.58 -25.95
CA PHE B 119 -7.29 21.74 -26.90
C PHE B 119 -8.07 22.60 -27.87
N PRO B 120 -7.86 22.46 -29.17
CA PRO B 120 -8.67 23.19 -30.14
C PRO B 120 -10.05 22.56 -30.27
N PRO B 121 -11.02 23.30 -30.79
CA PRO B 121 -12.34 22.70 -31.01
C PRO B 121 -12.26 21.58 -32.03
N SER B 122 -13.21 20.66 -31.96
CA SER B 122 -13.29 19.55 -32.89
C SER B 122 -14.01 19.97 -34.18
N ASP B 123 -13.68 19.28 -35.27
CA ASP B 123 -14.39 19.50 -36.52
C ASP B 123 -15.88 19.26 -36.35
N GLU B 124 -16.24 18.21 -35.60
CA GLU B 124 -17.65 17.93 -35.34
C GLU B 124 -18.36 19.15 -34.75
N GLN B 125 -17.79 19.73 -33.70
CA GLN B 125 -18.44 20.88 -33.09
C GLN B 125 -18.49 22.05 -34.05
N LEU B 126 -17.36 22.37 -34.70
CA LEU B 126 -17.31 23.54 -35.59
C LEU B 126 -18.34 23.45 -36.70
N LYS B 127 -18.54 22.25 -37.26
CA LYS B 127 -19.53 22.11 -38.33
C LYS B 127 -20.92 22.50 -37.84
N SER B 128 -21.22 22.22 -36.57
CA SER B 128 -22.52 22.58 -36.01
C SER B 128 -22.63 24.06 -35.65
N GLY B 129 -21.59 24.86 -35.81
CA GLY B 129 -21.69 26.29 -35.59
C GLY B 129 -21.01 26.83 -34.35
N THR B 130 -20.41 25.98 -33.53
CA THR B 130 -19.78 26.44 -32.29
C THR B 130 -18.35 25.93 -32.13
N ALA B 131 -17.55 26.72 -31.43
CA ALA B 131 -16.17 26.38 -31.13
C ALA B 131 -15.97 26.51 -29.63
N SER B 132 -15.67 25.39 -28.98
CA SER B 132 -15.27 25.35 -27.58
C SER B 132 -13.79 25.08 -27.55
N VAL B 133 -13.02 25.99 -26.99
CA VAL B 133 -11.59 25.83 -26.76
C VAL B 133 -11.39 25.56 -25.29
N VAL B 134 -10.64 24.52 -24.96
CA VAL B 134 -10.50 24.06 -23.58
C VAL B 134 -9.04 24.21 -23.15
N CYS B 135 -8.83 24.80 -21.97
CA CYS B 135 -7.51 24.95 -21.37
C CYS B 135 -7.49 24.12 -20.10
N LEU B 136 -6.41 23.36 -19.89
CA LEU B 136 -6.31 22.40 -18.79
C LEU B 136 -5.13 22.73 -17.88
N LEU B 137 -5.40 22.90 -16.59
CA LEU B 137 -4.40 23.04 -15.54
C LEU B 137 -4.48 21.76 -14.71
N ASN B 138 -3.42 20.97 -14.71
CA ASN B 138 -3.45 19.62 -14.16
C ASN B 138 -2.53 19.53 -12.95
N ASN B 139 -3.10 19.08 -11.83
CA ASN B 139 -2.37 18.62 -10.64
C ASN B 139 -1.48 19.72 -10.05
N PHE B 140 -2.12 20.81 -9.63
CA PHE B 140 -1.45 21.93 -9.00
C PHE B 140 -1.95 22.08 -7.56
N TYR B 141 -1.22 22.89 -6.78
CA TYR B 141 -1.56 23.25 -5.41
C TYR B 141 -0.78 24.50 -5.04
N PRO B 142 -1.39 25.47 -4.35
CA PRO B 142 -2.77 25.52 -3.83
C PRO B 142 -3.82 25.81 -4.91
N ARG B 143 -5.09 26.00 -4.51
CA ARG B 143 -6.21 26.01 -5.45
C ARG B 143 -6.26 27.29 -6.29
N GLU B 144 -5.79 28.40 -5.75
CA GLU B 144 -5.86 29.65 -6.46
C GLU B 144 -5.03 29.61 -7.74
N ALA B 145 -5.63 30.04 -8.85
CA ALA B 145 -4.93 30.09 -10.12
C ALA B 145 -5.63 31.12 -10.99
N LYS B 146 -4.86 31.74 -11.87
CA LYS B 146 -5.40 32.74 -12.80
C LYS B 146 -5.29 32.19 -14.21
N VAL B 147 -6.43 32.08 -14.90
CA VAL B 147 -6.49 31.60 -16.27
C VAL B 147 -6.95 32.75 -17.17
N GLN B 148 -6.13 33.08 -18.16
CA GLN B 148 -6.30 34.27 -19.00
C GLN B 148 -6.47 33.81 -20.44
N TRP B 149 -7.65 34.04 -21.02
CA TRP B 149 -7.88 33.72 -22.43
C TRP B 149 -7.50 34.90 -23.31
N LYS B 150 -6.64 34.65 -24.31
CA LYS B 150 -6.27 35.66 -25.29
C LYS B 150 -6.53 35.17 -26.70
N VAL B 151 -7.07 36.06 -27.52
CA VAL B 151 -7.35 35.77 -28.93
C VAL B 151 -6.68 36.84 -29.77
N ASP B 152 -5.72 36.43 -30.60
CA ASP B 152 -4.88 37.37 -31.34
C ASP B 152 -4.32 38.43 -30.41
N ASN B 153 -3.91 38.01 -29.22
CA ASN B 153 -3.33 38.86 -28.18
C ASN B 153 -4.37 39.75 -27.51
N ALA B 154 -5.64 39.67 -27.90
CA ALA B 154 -6.66 40.44 -27.20
C ALA B 154 -7.10 39.63 -25.99
N LEU B 155 -6.96 40.23 -24.81
CA LEU B 155 -7.42 39.54 -23.60
C LEU B 155 -8.94 39.36 -23.69
N GLN B 156 -9.39 38.14 -23.47
CA GLN B 156 -10.80 37.78 -23.57
C GLN B 156 -11.49 37.90 -22.23
N SER B 157 -12.69 38.47 -22.26
CA SER B 157 -13.48 38.71 -21.06
C SER B 157 -14.93 38.33 -21.30
N GLY B 158 -15.48 37.53 -20.39
CA GLY B 158 -16.91 37.26 -20.40
C GLY B 158 -17.41 36.15 -21.30
N ASN B 159 -16.53 35.31 -21.86
CA ASN B 159 -16.92 34.23 -22.76
C ASN B 159 -16.31 32.88 -22.39
N SER B 160 -15.99 32.67 -21.11
CA SER B 160 -15.41 31.38 -20.68
C SER B 160 -15.96 30.96 -19.33
N GLN B 161 -15.86 29.65 -19.06
CA GLN B 161 -16.29 29.04 -17.80
C GLN B 161 -15.25 28.03 -17.34
N GLU B 162 -15.20 27.80 -16.04
CA GLU B 162 -14.22 26.87 -15.51
C GLU B 162 -14.80 26.09 -14.35
N SER B 163 -14.22 24.92 -14.10
CA SER B 163 -14.51 24.17 -12.89
C SER B 163 -13.23 23.52 -12.39
N VAL B 164 -13.27 23.11 -11.14
CA VAL B 164 -12.11 22.64 -10.42
C VAL B 164 -12.49 21.33 -9.76
N THR B 165 -11.60 20.35 -9.84
CA THR B 165 -11.85 19.10 -9.15
C THR B 165 -11.75 19.28 -7.64
N GLU B 166 -12.28 18.30 -6.91
CA GLU B 166 -11.97 18.25 -5.49
C GLU B 166 -10.51 17.84 -5.31
N GLN B 167 -9.96 18.13 -4.15
CA GLN B 167 -8.59 17.72 -3.88
C GLN B 167 -8.42 16.21 -4.11
N ASP B 168 -7.47 15.85 -4.96
CA ASP B 168 -7.28 14.46 -5.38
C ASP B 168 -6.95 13.52 -4.22
N SER B 169 -7.56 12.33 -4.24
CA SER B 169 -7.40 11.40 -3.12
C SER B 169 -5.99 10.81 -3.04
N LYS B 170 -5.23 10.82 -4.14
CA LYS B 170 -3.91 10.20 -4.14
C LYS B 170 -2.79 11.20 -3.87
N ASP B 171 -2.81 12.36 -4.52
CA ASP B 171 -1.71 13.31 -4.36
C ASP B 171 -2.15 14.69 -3.84
N SER B 172 -3.42 14.87 -3.51
CA SER B 172 -3.94 16.08 -2.88
C SER B 172 -3.80 17.33 -3.75
N THR B 173 -3.73 17.20 -5.07
CA THR B 173 -3.71 18.35 -5.96
C THR B 173 -5.11 18.64 -6.50
N TYR B 174 -5.20 19.79 -7.16
CA TYR B 174 -6.38 20.20 -7.92
C TYR B 174 -6.03 20.21 -9.40
N SER B 175 -7.05 19.98 -10.22
CA SER B 175 -6.98 20.23 -11.64
C SER B 175 -8.11 21.18 -11.97
N LEU B 176 -7.90 21.95 -13.02
CA LEU B 176 -8.81 23.04 -13.38
C LEU B 176 -9.02 22.98 -14.88
N SER B 177 -10.27 23.20 -15.27
CA SER B 177 -10.72 23.15 -16.66
C SER B 177 -11.38 24.46 -17.04
N SER B 178 -10.89 25.13 -18.08
CA SER B 178 -11.48 26.37 -18.53
C SER B 178 -11.86 26.26 -20.00
N THR B 179 -13.15 26.48 -20.28
CA THR B 179 -13.71 26.37 -21.62
C THR B 179 -14.03 27.76 -22.13
N LEU B 180 -13.46 28.12 -23.28
CA LEU B 180 -13.80 29.33 -24.00
C LEU B 180 -14.76 28.95 -25.14
N THR B 181 -15.85 29.68 -25.28
CA THR B 181 -16.87 29.29 -26.26
C THR B 181 -17.18 30.44 -27.20
N LEU B 182 -17.09 30.18 -28.51
CA LEU B 182 -17.40 31.16 -29.55
C LEU B 182 -18.32 30.56 -30.62
N SER B 183 -18.98 31.45 -31.36
CA SER B 183 -19.63 31.01 -32.59
C SER B 183 -18.59 30.58 -33.59
N LYS B 184 -19.02 29.75 -34.55
CA LYS B 184 -18.14 29.44 -35.68
C LYS B 184 -17.66 30.73 -36.35
N ALA B 185 -18.57 31.67 -36.57
CA ALA B 185 -18.23 32.89 -37.31
C ALA B 185 -17.16 33.70 -36.60
N ASP B 186 -17.34 33.94 -35.30
CA ASP B 186 -16.33 34.67 -34.55
C ASP B 186 -15.03 33.88 -34.50
N TYR B 187 -15.14 32.55 -34.36
CA TYR B 187 -13.95 31.72 -34.29
C TYR B 187 -13.12 31.85 -35.55
N GLU B 188 -13.77 31.84 -36.70
CA GLU B 188 -13.05 31.87 -37.97
C GLU B 188 -12.56 33.25 -38.35
N LYS B 189 -12.80 34.26 -37.52
CA LYS B 189 -12.30 35.60 -37.76
C LYS B 189 -10.90 35.85 -37.21
N HIS B 190 -10.35 34.93 -36.43
CA HIS B 190 -9.08 35.17 -35.73
C HIS B 190 -8.17 33.95 -35.81
N LYS B 191 -6.90 34.17 -35.51
CA LYS B 191 -5.87 33.16 -35.74
C LYS B 191 -5.36 32.51 -34.46
N VAL B 192 -4.87 33.29 -33.50
CA VAL B 192 -4.15 32.76 -32.34
C VAL B 192 -5.08 32.64 -31.15
N TYR B 193 -5.24 31.43 -30.65
CA TYR B 193 -6.00 31.17 -29.45
C TYR B 193 -5.03 30.72 -28.36
N ALA B 194 -5.01 31.44 -27.24
CA ALA B 194 -4.04 31.17 -26.20
C ALA B 194 -4.69 31.28 -24.84
N CYS B 195 -4.23 30.43 -23.91
CA CYS B 195 -4.49 30.65 -22.50
C CYS B 195 -3.19 30.90 -21.77
N GLU B 196 -3.25 31.86 -20.84
CA GLU B 196 -2.14 32.28 -20.00
C GLU B 196 -2.48 31.96 -18.55
N VAL B 197 -1.58 31.25 -17.88
CA VAL B 197 -1.80 30.70 -16.55
C VAL B 197 -0.79 31.29 -15.59
N THR B 198 -1.27 31.87 -14.49
CA THR B 198 -0.42 32.32 -13.40
C THR B 198 -0.73 31.53 -12.15
N HIS B 199 0.31 30.96 -11.51
CA HIS B 199 0.16 30.16 -10.31
C HIS B 199 1.42 30.32 -9.48
N GLN B 200 1.22 30.20 -8.16
CA GLN B 200 2.30 30.41 -7.19
C GLN B 200 3.51 29.53 -7.48
N GLY B 201 3.30 28.35 -8.05
CA GLY B 201 4.36 27.44 -8.42
C GLY B 201 5.07 27.75 -9.72
N LEU B 202 4.64 28.77 -10.45
CA LEU B 202 5.25 29.16 -11.71
C LEU B 202 6.09 30.40 -11.48
N SER B 203 7.38 30.34 -11.87
CA SER B 203 8.23 31.51 -11.71
C SER B 203 7.86 32.64 -12.67
N SER B 204 7.16 32.33 -13.76
CA SER B 204 6.57 33.33 -14.64
C SER B 204 5.34 32.71 -15.27
N PRO B 205 4.40 33.53 -15.74
CA PRO B 205 3.18 33.00 -16.39
C PRO B 205 3.49 32.11 -17.59
N VAL B 206 2.70 31.05 -17.73
CA VAL B 206 2.87 30.06 -18.80
C VAL B 206 1.78 30.23 -19.85
N THR B 207 2.16 30.11 -21.12
CA THR B 207 1.23 30.25 -22.23
C THR B 207 1.28 29.03 -23.14
N LYS B 208 0.11 28.49 -23.44
CA LYS B 208 -0.07 27.51 -24.49
C LYS B 208 -1.03 28.09 -25.52
N SER B 209 -0.68 27.92 -26.80
CA SER B 209 -1.48 28.51 -27.86
C SER B 209 -1.47 27.61 -29.09
N PHE B 210 -2.41 27.89 -30.01
CA PHE B 210 -2.43 27.28 -31.33
C PHE B 210 -3.03 28.27 -32.32
N ASN B 211 -2.75 28.06 -33.59
CA ASN B 211 -3.38 28.81 -34.66
C ASN B 211 -4.49 27.98 -35.30
N ARG B 212 -5.68 28.57 -35.40
CA ARG B 212 -6.78 27.94 -36.11
C ARG B 212 -6.31 27.44 -37.47
N GLY B 213 -6.78 26.25 -37.86
CA GLY B 213 -6.35 25.72 -39.12
C GLY B 213 -4.96 25.13 -39.11
N GLU B 214 -4.30 25.11 -37.95
CA GLU B 214 -3.02 24.44 -37.79
C GLU B 214 -3.18 23.00 -37.34
N CYS B 215 -4.26 22.70 -36.62
CA CYS B 215 -4.54 21.36 -36.10
C CYS B 215 -5.65 20.66 -36.88
N GLU C 1 -2.54 0.31 -9.85
CA GLU C 1 -1.24 0.03 -9.26
C GLU C 1 -0.65 -1.30 -9.71
N GLU C 2 0.48 -1.25 -10.41
CA GLU C 2 1.07 -2.47 -10.96
C GLU C 2 1.75 -3.27 -9.86
N GLN C 3 1.40 -4.56 -9.77
CA GLN C 3 2.02 -5.42 -8.78
C GLN C 3 1.91 -6.88 -9.25
N LEU C 4 2.86 -7.68 -8.78
CA LEU C 4 2.88 -9.11 -9.01
C LEU C 4 2.73 -9.83 -7.68
N VAL C 5 2.17 -11.04 -7.72
CA VAL C 5 2.02 -11.87 -6.54
C VAL C 5 2.31 -13.32 -6.89
N GLU C 6 3.24 -13.94 -6.15
CA GLU C 6 3.52 -15.37 -6.22
C GLU C 6 2.63 -16.14 -5.27
N SER C 7 2.32 -17.38 -5.64
CA SER C 7 1.53 -18.26 -4.83
C SER C 7 1.95 -19.70 -5.09
N GLY C 8 1.64 -20.57 -4.12
CA GLY C 8 1.79 -22.00 -4.27
C GLY C 8 2.94 -22.59 -3.50
N GLY C 9 3.72 -21.76 -2.82
CA GLY C 9 4.82 -22.28 -2.02
C GLY C 9 4.35 -23.03 -0.79
N GLY C 10 5.27 -23.81 -0.23
CA GLY C 10 5.00 -24.52 0.99
C GLY C 10 6.06 -25.56 1.25
N LEU C 11 5.69 -26.52 2.08
CA LEU C 11 6.58 -27.60 2.48
C LEU C 11 6.36 -28.81 1.59
N VAL C 12 7.44 -29.38 1.07
CA VAL C 12 7.30 -30.54 0.20
C VAL C 12 8.48 -31.48 0.42
N LYS C 13 8.22 -32.84 0.18
CA LYS C 13 9.26 -33.84 0.40
C LYS C 13 10.10 -34.06 -0.86
N PRO C 14 11.34 -34.48 -0.70
CA PRO C 14 12.21 -34.69 -1.86
C PRO C 14 11.56 -35.61 -2.90
N GLY C 15 11.71 -35.25 -4.17
CA GLY C 15 11.17 -36.02 -5.27
C GLY C 15 9.74 -35.69 -5.64
N ARG C 16 9.02 -34.93 -4.82
CA ARG C 16 7.64 -34.58 -5.07
C ARG C 16 7.57 -33.35 -5.98
N SER C 17 6.36 -32.88 -6.29
CA SER C 17 6.17 -31.77 -7.22
C SER C 17 5.47 -30.61 -6.55
N LEU C 18 5.57 -29.46 -7.20
CA LEU C 18 4.91 -28.27 -6.71
C LEU C 18 4.78 -27.31 -7.88
N ARG C 19 3.65 -26.62 -7.96
CA ARG C 19 3.45 -25.63 -9.01
C ARG C 19 3.29 -24.25 -8.37
N LEU C 20 4.14 -23.33 -8.77
CA LEU C 20 4.02 -21.94 -8.36
C LEU C 20 3.28 -21.14 -9.43
N SER C 21 2.53 -20.15 -8.97
CA SER C 21 1.82 -19.24 -9.85
C SER C 21 2.24 -17.79 -9.61
N CYS C 22 2.22 -17.02 -10.69
CA CYS C 22 2.59 -15.61 -10.69
C CYS C 22 1.44 -14.83 -11.32
N SER C 23 0.82 -13.95 -10.56
CA SER C 23 -0.39 -13.25 -11.00
C SER C 23 -0.15 -11.75 -11.03
N ALA C 24 -0.48 -11.13 -12.17
CA ALA C 24 -0.29 -9.70 -12.37
C ALA C 24 -1.61 -8.97 -12.23
N SER C 25 -1.55 -7.77 -11.65
CA SER C 25 -2.72 -6.93 -11.56
C SER C 25 -2.31 -5.50 -11.88
N GLY C 26 -3.17 -4.80 -12.63
CA GLY C 26 -2.87 -3.43 -12.99
C GLY C 26 -2.06 -3.24 -14.25
N PHE C 27 -1.61 -4.33 -14.87
CA PHE C 27 -0.97 -4.27 -16.18
C PHE C 27 -1.19 -5.60 -16.87
N THR C 28 -0.88 -5.63 -18.17
CA THR C 28 -1.09 -6.81 -19.00
C THR C 28 0.19 -7.64 -19.00
N LEU C 29 0.18 -8.77 -18.30
CA LEU C 29 1.39 -9.58 -18.17
C LEU C 29 1.96 -9.99 -19.52
N GLY C 30 1.08 -10.25 -20.50
CA GLY C 30 1.52 -10.67 -21.82
C GLY C 30 2.44 -9.69 -22.54
N ASP C 31 2.52 -8.44 -22.08
CA ASP C 31 3.47 -7.50 -22.66
C ASP C 31 4.92 -7.83 -22.32
N TYR C 32 5.18 -8.75 -21.39
CA TYR C 32 6.46 -8.87 -20.73
C TYR C 32 6.93 -10.32 -20.66
N ALA C 33 8.25 -10.48 -20.64
CA ALA C 33 8.85 -11.74 -20.24
C ALA C 33 8.63 -11.96 -18.75
N VAL C 34 8.31 -13.20 -18.36
CA VAL C 34 8.22 -13.55 -16.96
C VAL C 34 9.51 -14.28 -16.59
N THR C 35 10.31 -13.66 -15.73
CA THR C 35 11.58 -14.24 -15.32
C THR C 35 11.48 -14.66 -13.86
N TRP C 36 11.88 -15.89 -13.59
CA TRP C 36 11.82 -16.46 -12.26
C TRP C 36 13.21 -16.47 -11.64
N PHE C 37 13.30 -15.94 -10.43
CA PHE C 37 14.48 -16.04 -9.60
C PHE C 37 14.16 -16.77 -8.30
N ARG C 38 15.21 -17.22 -7.62
CA ARG C 38 15.06 -17.75 -6.27
C ARG C 38 16.21 -17.25 -5.41
N GLN C 39 15.99 -17.26 -4.10
CA GLN C 39 16.97 -16.74 -3.17
C GLN C 39 16.97 -17.57 -1.90
N ALA C 40 18.16 -18.00 -1.47
CA ALA C 40 18.30 -18.79 -0.26
C ALA C 40 19.52 -18.33 0.54
N SER C 41 19.49 -18.63 1.84
CA SER C 41 20.68 -18.60 2.72
C SER C 41 21.45 -17.28 2.68
N GLY C 42 20.74 -16.16 2.66
CA GLY C 42 21.44 -14.89 2.63
C GLY C 42 22.28 -14.63 1.39
N LYS C 43 22.04 -15.35 0.29
CA LYS C 43 22.74 -15.15 -0.96
C LYS C 43 21.98 -14.16 -1.85
N GLU C 44 22.54 -13.89 -3.02
CA GLU C 44 21.88 -13.00 -3.95
C GLU C 44 20.79 -13.74 -4.72
N PRO C 45 19.86 -13.00 -5.32
CA PRO C 45 18.86 -13.63 -6.17
C PRO C 45 19.55 -14.39 -7.30
N GLU C 46 18.97 -15.52 -7.69
CA GLU C 46 19.60 -16.46 -8.63
C GLU C 46 18.61 -16.83 -9.72
N TRP C 47 19.04 -16.76 -10.97
CA TRP C 47 18.14 -17.03 -12.07
C TRP C 47 17.64 -18.47 -12.04
N VAL C 48 16.35 -18.65 -12.23
CA VAL C 48 15.74 -19.96 -12.40
C VAL C 48 15.33 -20.22 -13.85
N GLY C 49 14.53 -19.33 -14.43
CA GLY C 49 14.12 -19.52 -15.81
C GLY C 49 13.36 -18.31 -16.32
N VAL C 50 13.06 -18.36 -17.62
CA VAL C 50 12.34 -17.29 -18.27
C VAL C 50 11.45 -17.90 -19.34
N ILE C 51 10.30 -17.26 -19.55
CA ILE C 51 9.47 -17.48 -20.73
C ILE C 51 9.32 -16.13 -21.42
N ARG C 52 9.52 -16.10 -22.74
CA ARG C 52 9.40 -14.87 -23.49
C ARG C 52 7.93 -14.55 -23.78
N THR C 53 7.69 -13.31 -24.22
CA THR C 53 6.35 -12.90 -24.66
C THR C 53 5.96 -13.64 -25.92
N LYS C 54 4.65 -13.73 -26.16
CA LYS C 54 4.20 -14.31 -27.41
C LYS C 54 4.86 -13.64 -28.63
N ASP C 55 5.04 -12.32 -28.59
CA ASP C 55 5.68 -11.68 -29.75
C ASP C 55 7.08 -12.20 -30.01
N GLU C 56 7.80 -12.63 -28.97
CA GLU C 56 9.17 -13.12 -29.14
C GLU C 56 9.26 -14.64 -29.22
N GLY C 57 8.14 -15.31 -29.49
CA GLY C 57 8.15 -16.74 -29.72
C GLY C 57 7.71 -17.57 -28.55
N GLY C 58 7.44 -16.97 -27.40
CA GLY C 58 6.97 -17.74 -26.25
C GLY C 58 7.91 -18.82 -25.79
N THR C 59 9.21 -18.64 -25.98
CA THR C 59 10.13 -19.73 -25.68
C THR C 59 10.56 -19.69 -24.21
N THR C 60 11.19 -20.78 -23.79
CA THR C 60 11.65 -20.92 -22.41
C THR C 60 13.13 -21.29 -22.36
N GLU C 61 13.79 -20.80 -21.32
CA GLU C 61 15.13 -21.20 -20.94
C GLU C 61 15.16 -21.40 -19.45
N TYR C 62 16.07 -22.27 -18.99
CA TYR C 62 16.15 -22.65 -17.58
C TYR C 62 17.60 -22.70 -17.13
N ALA C 63 17.84 -22.34 -15.87
CA ALA C 63 19.15 -22.60 -15.30
C ALA C 63 19.50 -24.08 -15.42
N ALA C 64 20.81 -24.37 -15.50
CA ALA C 64 21.27 -25.76 -15.65
C ALA C 64 20.88 -26.62 -14.47
N SER C 65 20.78 -26.04 -13.28
CA SER C 65 20.44 -26.84 -12.10
C SER C 65 18.98 -27.27 -12.08
N VAL C 66 18.12 -26.70 -12.91
CA VAL C 66 16.70 -27.07 -12.91
C VAL C 66 16.26 -27.63 -14.25
N LYS C 67 17.06 -27.48 -15.31
CA LYS C 67 16.68 -27.93 -16.63
C LYS C 67 16.28 -29.40 -16.56
N GLY C 68 15.15 -29.74 -17.17
CA GLY C 68 14.61 -31.08 -17.09
C GLY C 68 13.67 -31.32 -15.94
N ARG C 69 13.68 -30.47 -14.92
CA ARG C 69 12.79 -30.61 -13.78
C ARG C 69 11.73 -29.53 -13.69
N PHE C 70 12.09 -28.27 -13.98
CA PHE C 70 11.17 -27.14 -13.91
C PHE C 70 10.71 -26.79 -15.33
N SER C 71 9.51 -26.20 -15.42
CA SER C 71 8.99 -25.76 -16.69
C SER C 71 8.08 -24.58 -16.45
N ILE C 72 8.09 -23.62 -17.38
CA ILE C 72 7.32 -22.40 -17.24
C ILE C 72 6.24 -22.37 -18.32
N LEU C 73 5.02 -22.06 -17.91
CA LEU C 73 3.92 -21.84 -18.83
C LEU C 73 3.27 -20.51 -18.49
N ARG C 74 2.60 -19.91 -19.48
CA ARG C 74 1.94 -18.63 -19.28
C ARG C 74 0.57 -18.65 -19.94
N ASP C 75 -0.37 -17.96 -19.29
CA ASP C 75 -1.73 -17.79 -19.80
C ASP C 75 -1.96 -16.28 -19.92
N ASP C 76 -1.77 -15.75 -21.13
CA ASP C 76 -1.89 -14.30 -21.29
C ASP C 76 -3.32 -13.82 -21.07
N SER C 77 -4.30 -14.64 -21.44
CA SER C 77 -5.70 -14.23 -21.25
C SER C 77 -6.00 -13.95 -19.79
N LYS C 78 -5.28 -14.60 -18.87
CA LYS C 78 -5.49 -14.44 -17.44
C LYS C 78 -4.35 -13.72 -16.73
N SER C 79 -3.37 -13.21 -17.48
CA SER C 79 -2.24 -12.46 -16.90
C SER C 79 -1.57 -13.23 -15.76
N ILE C 80 -1.26 -14.49 -16.03
CA ILE C 80 -0.67 -15.38 -15.04
C ILE C 80 0.39 -16.21 -15.74
N ALA C 81 1.35 -16.70 -14.95
CA ALA C 81 2.32 -17.66 -15.44
C ALA C 81 2.58 -18.67 -14.33
N HIS C 82 3.11 -19.83 -14.69
CA HIS C 82 3.32 -20.89 -13.73
C HIS C 82 4.74 -21.44 -13.83
N LEU C 83 5.28 -21.85 -12.68
CA LEU C 83 6.52 -22.62 -12.61
C LEU C 83 6.18 -23.98 -12.02
N GLN C 84 6.27 -25.01 -12.86
CA GLN C 84 6.03 -26.39 -12.45
C GLN C 84 7.36 -27.02 -12.03
N MET C 85 7.45 -27.45 -10.78
CA MET C 85 8.71 -27.96 -10.23
C MET C 85 8.54 -29.44 -9.95
N ASN C 86 9.30 -30.28 -10.67
CA ASN C 86 9.22 -31.72 -10.50
C ASN C 86 10.51 -32.24 -9.89
N SER C 87 10.41 -33.42 -9.30
CA SER C 87 11.59 -34.10 -8.79
C SER C 87 12.39 -33.14 -7.91
N LEU C 88 11.72 -32.54 -6.95
CA LEU C 88 12.33 -31.48 -6.17
C LEU C 88 13.42 -32.04 -5.28
N LYS C 89 14.47 -31.24 -5.08
CA LYS C 89 15.61 -31.61 -4.25
C LYS C 89 15.75 -30.64 -3.07
N ILE C 90 16.43 -31.11 -2.03
CA ILE C 90 16.65 -30.28 -0.86
C ILE C 90 17.26 -28.93 -1.25
N GLU C 91 18.20 -28.95 -2.19
CA GLU C 91 18.82 -27.71 -2.68
C GLU C 91 17.86 -26.78 -3.40
N ASP C 92 16.64 -27.21 -3.69
CA ASP C 92 15.69 -26.28 -4.28
C ASP C 92 15.06 -25.36 -3.24
N THR C 93 15.31 -25.60 -1.95
CA THR C 93 14.74 -24.77 -0.88
C THR C 93 15.16 -23.32 -1.04
N ALA C 94 14.20 -22.42 -1.14
CA ALA C 94 14.48 -21.02 -1.43
C ALA C 94 13.15 -20.26 -1.45
N VAL C 95 13.24 -18.94 -1.39
CA VAL C 95 12.10 -18.09 -1.70
C VAL C 95 12.13 -17.81 -3.20
N TYR C 96 11.01 -18.06 -3.88
CA TYR C 96 10.94 -17.88 -5.32
C TYR C 96 10.24 -16.57 -5.64
N TYR C 97 10.81 -15.82 -6.57
CA TYR C 97 10.22 -14.59 -7.06
C TYR C 97 9.93 -14.70 -8.54
N CYS C 98 8.84 -14.06 -8.98
CA CYS C 98 8.62 -13.78 -10.39
C CYS C 98 8.73 -12.27 -10.63
N THR C 99 9.17 -11.91 -11.84
CA THR C 99 9.46 -10.52 -12.16
C THR C 99 8.99 -10.19 -13.56
N ARG C 100 8.74 -8.91 -13.77
CA ARG C 100 8.47 -8.33 -15.07
C ARG C 100 9.67 -7.50 -15.55
N ASN C 101 9.98 -7.57 -16.85
CA ASN C 101 11.08 -6.79 -17.43
C ASN C 101 10.56 -5.48 -18.05
N GLY C 102 10.22 -4.55 -17.17
CA GLY C 102 9.74 -3.25 -17.64
C GLY C 102 10.79 -2.47 -18.41
N LEU C 103 12.05 -2.64 -18.06
CA LEU C 103 13.14 -1.98 -18.76
C LEU C 103 13.73 -2.97 -19.75
N ARG C 104 13.73 -2.59 -21.03
CA ARG C 104 14.28 -3.39 -22.12
C ARG C 104 14.94 -2.47 -23.15
N TRP C 105 16.00 -2.98 -23.79
CA TRP C 105 16.51 -2.34 -25.01
C TRP C 105 17.02 -3.40 -25.96
N TYR C 106 17.03 -3.05 -27.24
CA TYR C 106 17.37 -3.96 -28.32
C TYR C 106 18.29 -3.20 -29.27
N ASP C 107 19.13 -3.93 -30.00
CA ASP C 107 19.80 -3.40 -31.20
C ASP C 107 19.44 -4.30 -32.39
N SER C 108 20.17 -4.14 -33.50
CA SER C 108 19.86 -4.93 -34.69
C SER C 108 19.91 -6.43 -34.41
N SER C 109 20.70 -6.85 -33.42
CA SER C 109 20.79 -8.28 -33.16
C SER C 109 19.66 -8.77 -32.28
N GLY C 110 18.82 -7.90 -31.77
CA GLY C 110 17.75 -8.31 -30.90
C GLY C 110 17.87 -7.73 -29.49
N PRO C 111 17.20 -8.37 -28.53
CA PRO C 111 17.28 -7.91 -27.14
C PRO C 111 18.73 -7.88 -26.64
N ARG C 112 19.11 -6.75 -26.08
CA ARG C 112 20.43 -6.60 -25.50
C ARG C 112 20.41 -6.76 -24.00
N GLY C 113 19.32 -6.34 -23.34
CA GLY C 113 19.26 -6.40 -21.89
C GLY C 113 17.89 -6.06 -21.38
N TRP C 114 17.63 -6.49 -20.13
CA TRP C 114 16.43 -6.15 -19.38
C TRP C 114 16.84 -5.67 -18.00
N ALA C 115 15.97 -4.87 -17.41
CA ALA C 115 16.01 -4.62 -15.98
C ALA C 115 14.65 -5.00 -15.38
N PHE C 116 14.67 -5.42 -14.14
CA PHE C 116 13.51 -6.05 -13.53
C PHE C 116 12.84 -5.06 -12.57
N ASP C 117 11.81 -4.36 -13.06
CA ASP C 117 11.24 -3.21 -12.36
C ASP C 117 10.05 -3.56 -11.47
N ILE C 118 9.50 -4.77 -11.54
CA ILE C 118 8.47 -5.22 -10.61
C ILE C 118 8.83 -6.62 -10.15
N TRP C 119 8.82 -6.82 -8.83
CA TRP C 119 9.00 -8.12 -8.19
C TRP C 119 7.77 -8.45 -7.37
N GLY C 120 7.40 -9.72 -7.32
CA GLY C 120 6.39 -10.16 -6.39
C GLY C 120 7.00 -10.27 -5.00
N PRO C 121 6.16 -10.34 -3.96
CA PRO C 121 6.70 -10.47 -2.59
C PRO C 121 7.43 -11.79 -2.35
N GLY C 122 7.30 -12.77 -3.20
CA GLY C 122 7.99 -14.01 -2.93
C GLY C 122 7.06 -15.04 -2.34
N THR C 123 7.44 -16.31 -2.53
CA THR C 123 6.76 -17.45 -1.93
C THR C 123 7.83 -18.47 -1.56
N LEU C 124 7.78 -18.97 -0.33
CA LEU C 124 8.84 -19.81 0.20
C LEU C 124 8.60 -21.27 -0.18
N VAL C 125 9.64 -21.94 -0.64
CA VAL C 125 9.59 -23.37 -0.91
C VAL C 125 10.60 -24.07 -0.01
N VAL C 126 10.14 -25.00 0.81
CA VAL C 126 11.02 -25.79 1.67
C VAL C 126 10.90 -27.25 1.27
N VAL C 127 11.99 -27.82 0.78
CA VAL C 127 12.06 -29.24 0.45
C VAL C 127 12.85 -29.95 1.53
N SER C 128 12.20 -30.87 2.24
CA SER C 128 12.83 -31.59 3.34
C SER C 128 12.17 -32.95 3.51
N SER C 129 12.97 -33.93 3.94
CA SER C 129 12.46 -35.22 4.35
C SER C 129 11.94 -35.22 5.78
N ALA C 130 12.22 -34.16 6.55
CA ALA C 130 11.89 -34.13 7.96
C ALA C 130 10.37 -34.09 8.17
N SER C 131 9.94 -34.72 9.26
CA SER C 131 8.55 -34.68 9.72
C SER C 131 8.33 -33.56 10.72
N THR C 132 7.12 -33.05 10.76
CA THR C 132 6.78 -32.01 11.72
C THR C 132 7.05 -32.50 13.14
N LYS C 133 7.64 -31.62 13.96
CA LYS C 133 8.10 -32.03 15.28
C LYS C 133 8.22 -30.84 16.20
N GLY C 134 7.64 -30.94 17.40
CA GLY C 134 7.80 -29.91 18.40
C GLY C 134 9.21 -29.89 18.99
N PRO C 135 9.62 -28.76 19.55
CA PRO C 135 10.99 -28.65 20.08
C PRO C 135 11.10 -29.16 21.51
N SER C 136 12.32 -29.56 21.85
CA SER C 136 12.71 -29.70 23.24
C SER C 136 13.32 -28.39 23.71
N VAL C 137 13.00 -27.98 24.93
CA VAL C 137 13.46 -26.71 25.47
C VAL C 137 14.34 -26.99 26.68
N PHE C 138 15.65 -26.66 26.57
CA PHE C 138 16.65 -26.88 27.57
C PHE C 138 17.13 -25.55 28.17
N PRO C 139 17.44 -25.56 29.46
CA PRO C 139 17.86 -24.31 30.11
C PRO C 139 19.31 -23.95 29.77
N LEU C 140 19.54 -22.66 29.53
CA LEU C 140 20.90 -22.10 29.55
C LEU C 140 20.95 -21.39 30.90
N ALA C 141 21.44 -22.09 31.89
CA ALA C 141 21.34 -21.66 33.28
C ALA C 141 22.33 -20.54 33.56
N PRO C 142 21.94 -19.51 34.31
CA PRO C 142 22.92 -18.50 34.71
C PRO C 142 23.98 -19.15 35.59
N SER C 143 25.23 -18.75 35.37
CA SER C 143 26.33 -19.45 36.02
C SER C 143 26.45 -19.04 37.48
N SER C 144 26.99 -19.95 38.27
CA SER C 144 27.28 -19.62 39.67
C SER C 144 28.25 -18.45 39.77
N LYS C 145 29.18 -18.33 38.84
CA LYS C 145 30.18 -17.26 38.87
C LYS C 145 29.67 -16.04 38.10
N SER C 146 28.75 -15.32 38.73
CA SER C 146 28.24 -14.06 38.22
C SER C 146 28.48 -13.00 39.29
N THR C 147 29.00 -11.85 38.86
CA THR C 147 29.24 -10.76 39.81
C THR C 147 27.96 -10.37 40.54
N SER C 148 28.10 -10.17 41.86
CA SER C 148 26.93 -10.09 42.72
C SER C 148 26.05 -8.87 42.45
N GLY C 149 26.62 -7.74 42.05
CA GLY C 149 25.76 -6.63 41.67
C GLY C 149 25.89 -6.24 40.20
N GLY C 150 26.10 -7.23 39.36
CA GLY C 150 26.32 -6.99 37.96
C GLY C 150 25.25 -7.58 37.07
N THR C 151 25.68 -8.09 35.93
CA THR C 151 24.78 -8.60 34.91
C THR C 151 25.02 -10.08 34.66
N ALA C 152 23.94 -10.84 34.59
CA ALA C 152 24.02 -12.26 34.30
C ALA C 152 23.23 -12.55 33.02
N ALA C 153 23.68 -13.57 32.29
CA ALA C 153 22.98 -14.06 31.11
C ALA C 153 22.36 -15.42 31.43
N LEU C 154 21.14 -15.63 30.92
CA LEU C 154 20.40 -16.88 30.99
C LEU C 154 19.56 -16.95 29.73
N GLY C 155 19.02 -18.13 29.42
CA GLY C 155 18.21 -18.26 28.21
C GLY C 155 17.64 -19.66 28.03
N CYS C 156 17.21 -19.94 26.80
CA CYS C 156 16.58 -21.21 26.44
C CYS C 156 17.16 -21.74 25.15
N LEU C 157 17.50 -23.02 25.12
CA LEU C 157 17.92 -23.67 23.89
C LEU C 157 16.72 -24.45 23.38
N VAL C 158 16.20 -24.04 22.24
CA VAL C 158 14.98 -24.59 21.64
C VAL C 158 15.44 -25.51 20.53
N LYS C 159 15.45 -26.82 20.78
CA LYS C 159 16.25 -27.70 19.93
C LYS C 159 15.41 -28.76 19.24
N ASP C 160 15.77 -29.03 17.98
CA ASP C 160 15.27 -30.16 17.21
C ASP C 160 13.79 -30.05 16.90
N TYR C 161 13.40 -29.00 16.17
CA TYR C 161 12.01 -28.85 15.75
C TYR C 161 11.98 -28.67 14.24
N PHE C 162 10.79 -28.89 13.67
CA PHE C 162 10.57 -28.77 12.23
C PHE C 162 9.07 -28.68 11.95
N PRO C 163 8.63 -27.76 11.09
CA PRO C 163 9.43 -26.76 10.39
C PRO C 163 9.54 -25.46 11.17
N GLU C 164 10.10 -24.42 10.55
CA GLU C 164 9.97 -23.07 11.07
C GLU C 164 8.53 -22.58 10.93
N PRO C 165 8.13 -21.61 11.78
CA PRO C 165 8.94 -20.95 12.80
C PRO C 165 8.54 -21.34 14.23
N VAL C 166 9.37 -20.95 15.21
CA VAL C 166 8.97 -20.93 16.62
C VAL C 166 8.97 -19.47 17.05
N THR C 167 8.09 -19.15 18.01
CA THR C 167 8.17 -17.86 18.66
C THR C 167 8.61 -18.05 20.11
N VAL C 168 9.33 -17.07 20.63
CA VAL C 168 9.83 -17.15 21.99
C VAL C 168 9.60 -15.81 22.67
N SER C 169 8.99 -15.85 23.85
CA SER C 169 8.86 -14.68 24.70
C SER C 169 9.33 -15.03 26.10
N TRP C 170 9.43 -14.02 26.96
CA TRP C 170 9.95 -14.21 28.30
C TRP C 170 8.97 -13.64 29.29
N ASN C 171 8.63 -14.44 30.30
CA ASN C 171 7.63 -14.06 31.29
C ASN C 171 6.39 -13.54 30.58
N SER C 172 5.91 -14.34 29.62
CA SER C 172 4.66 -14.09 28.91
C SER C 172 4.63 -12.70 28.28
N GLY C 173 5.80 -12.14 27.98
CA GLY C 173 5.89 -10.86 27.32
C GLY C 173 6.19 -9.70 28.26
N ALA C 174 6.17 -9.91 29.57
CA ALA C 174 6.51 -8.83 30.48
C ALA C 174 8.00 -8.49 30.42
N LEU C 175 8.84 -9.42 30.00
CA LEU C 175 10.28 -9.18 29.92
C LEU C 175 10.73 -9.08 28.45
N THR C 176 11.10 -7.86 28.02
CA THR C 176 11.58 -7.54 26.66
C THR C 176 12.97 -6.88 26.61
N SER C 177 13.34 -6.11 27.63
CA SER C 177 14.63 -5.45 27.62
C SER C 177 15.75 -6.47 27.76
N GLY C 178 16.80 -6.34 26.94
CA GLY C 178 17.92 -7.25 26.99
C GLY C 178 17.71 -8.61 26.35
N VAL C 179 16.56 -8.85 25.69
CA VAL C 179 16.30 -10.14 25.06
C VAL C 179 16.94 -10.19 23.68
N HIS C 180 17.59 -11.30 23.36
CA HIS C 180 18.07 -11.63 22.02
C HIS C 180 17.57 -13.03 21.65
N THR C 181 16.65 -13.13 20.71
CA THR C 181 16.30 -14.43 20.14
C THR C 181 17.05 -14.59 18.84
N PHE C 182 17.85 -15.64 18.73
CA PHE C 182 18.74 -15.78 17.59
C PHE C 182 18.05 -16.45 16.42
N PRO C 183 18.55 -16.22 15.21
CA PRO C 183 18.02 -16.96 14.05
C PRO C 183 18.26 -18.46 14.23
N ALA C 184 17.30 -19.24 13.77
CA ALA C 184 17.44 -20.69 13.77
C ALA C 184 18.53 -21.14 12.80
N VAL C 185 19.22 -22.21 13.16
CA VAL C 185 20.15 -22.89 12.24
C VAL C 185 19.61 -24.28 11.95
N LEU C 186 19.89 -24.74 10.74
CA LEU C 186 19.48 -26.07 10.30
C LEU C 186 20.59 -27.06 10.60
N GLN C 187 20.30 -28.05 11.43
CA GLN C 187 21.25 -29.09 11.77
C GLN C 187 21.30 -30.14 10.66
N SER C 188 22.36 -30.95 10.68
CA SER C 188 22.49 -32.00 9.67
C SER C 188 21.44 -33.08 9.86
N SER C 189 20.79 -33.13 11.03
CA SER C 189 19.64 -34.01 11.20
C SER C 189 18.43 -33.58 10.37
N GLY C 190 18.46 -32.40 9.75
CA GLY C 190 17.29 -31.81 9.15
C GLY C 190 16.38 -31.08 10.11
N LEU C 191 16.68 -31.04 11.40
CA LEU C 191 15.86 -30.31 12.36
C LEU C 191 16.49 -28.95 12.69
N TYR C 192 15.65 -28.00 13.07
CA TYR C 192 16.10 -26.67 13.39
C TYR C 192 16.42 -26.58 14.88
N SER C 193 17.22 -25.57 15.23
CA SER C 193 17.64 -25.34 16.60
C SER C 193 17.91 -23.86 16.79
N LEU C 194 17.44 -23.32 17.91
CA LEU C 194 17.58 -21.89 18.15
C LEU C 194 17.83 -21.62 19.63
N SER C 195 18.42 -20.46 19.93
CA SER C 195 18.59 -20.07 21.33
C SER C 195 18.04 -18.68 21.54
N SER C 196 17.43 -18.47 22.70
CA SER C 196 16.94 -17.17 23.16
C SER C 196 17.58 -16.90 24.51
N VAL C 197 18.13 -15.70 24.69
CA VAL C 197 18.86 -15.34 25.89
C VAL C 197 18.41 -13.97 26.36
N VAL C 198 18.75 -13.67 27.62
CA VAL C 198 18.50 -12.36 28.18
C VAL C 198 19.53 -12.09 29.25
N THR C 199 19.98 -10.84 29.32
CA THR C 199 20.82 -10.40 30.42
C THR C 199 19.97 -9.64 31.43
N VAL C 200 20.21 -9.93 32.71
CA VAL C 200 19.39 -9.36 33.78
C VAL C 200 20.30 -9.05 34.96
N PRO C 201 19.83 -8.31 35.96
CA PRO C 201 20.65 -8.05 37.15
C PRO C 201 20.95 -9.34 37.90
N SER C 202 22.22 -9.54 38.20
CA SER C 202 22.60 -10.69 39.02
C SER C 202 21.74 -10.76 40.28
N SER C 203 21.46 -9.61 40.88
CA SER C 203 20.74 -9.61 42.14
C SER C 203 19.31 -10.11 42.02
N SER C 204 18.76 -10.21 40.80
CA SER C 204 17.40 -10.70 40.61
C SER C 204 17.34 -12.21 40.42
N LEU C 205 18.49 -12.88 40.36
CA LEU C 205 18.50 -14.30 40.03
C LEU C 205 17.73 -15.13 41.06
N GLY C 206 17.85 -14.82 42.35
CA GLY C 206 17.10 -15.60 43.33
C GLY C 206 15.64 -15.19 43.55
N THR C 207 15.19 -14.07 43.01
CA THR C 207 13.94 -13.49 43.45
C THR C 207 12.99 -13.26 42.28
N GLN C 208 13.53 -13.10 41.08
CA GLN C 208 12.71 -12.92 39.91
C GLN C 208 12.62 -14.24 39.16
N THR C 209 11.40 -14.70 38.90
CA THR C 209 11.19 -15.89 38.08
C THR C 209 11.42 -15.56 36.60
N TYR C 210 12.15 -16.44 35.91
CA TYR C 210 12.38 -16.29 34.47
C TYR C 210 11.89 -17.54 33.74
N ILE C 211 10.90 -17.34 32.88
CA ILE C 211 10.29 -18.40 32.10
C ILE C 211 10.35 -18.01 30.63
N CYS C 212 10.86 -18.88 29.79
CA CYS C 212 10.77 -18.65 28.36
C CYS C 212 9.56 -19.41 27.84
N ASN C 213 8.73 -18.71 27.05
CA ASN C 213 7.48 -19.24 26.50
C ASN C 213 7.73 -19.56 25.03
N VAL C 214 7.68 -20.83 24.70
CA VAL C 214 8.00 -21.29 23.35
C VAL C 214 6.72 -21.76 22.69
N ASN C 215 6.47 -21.29 21.47
CA ASN C 215 5.28 -21.66 20.73
C ASN C 215 5.74 -22.20 19.38
N HIS C 216 5.36 -23.42 19.05
CA HIS C 216 5.64 -24.02 17.75
C HIS C 216 4.29 -24.34 17.13
N LYS C 217 3.69 -23.34 16.49
CA LYS C 217 2.35 -23.53 15.94
C LYS C 217 2.28 -24.73 15.01
N PRO C 218 3.21 -24.95 14.09
CA PRO C 218 3.11 -26.10 13.18
C PRO C 218 2.90 -27.44 13.88
N SER C 219 3.27 -27.58 15.15
CA SER C 219 3.06 -28.84 15.86
C SER C 219 2.08 -28.71 17.02
N ASN C 220 1.47 -27.56 17.23
CA ASN C 220 0.63 -27.32 18.41
C ASN C 220 1.40 -27.64 19.69
N THR C 221 2.65 -27.22 19.74
CA THR C 221 3.47 -27.39 20.93
C THR C 221 3.69 -26.03 21.54
N LYS C 222 3.25 -25.86 22.79
CA LYS C 222 3.58 -24.70 23.61
C LYS C 222 4.31 -25.21 24.84
N VAL C 223 5.46 -24.60 25.14
CA VAL C 223 6.26 -24.97 26.30
C VAL C 223 6.57 -23.73 27.10
N ASP C 224 6.43 -23.83 28.43
CA ASP C 224 6.86 -22.81 29.39
C ASP C 224 7.99 -23.42 30.24
N LYS C 225 9.22 -23.00 29.95
CA LYS C 225 10.41 -23.49 30.64
C LYS C 225 10.88 -22.47 31.65
N LYS C 226 10.91 -22.85 32.93
CA LYS C 226 11.48 -22.02 33.97
C LYS C 226 13.01 -22.19 33.98
N VAL C 227 13.75 -21.08 33.99
CA VAL C 227 15.21 -21.13 33.98
C VAL C 227 15.74 -20.52 35.26
N GLU C 228 16.55 -21.30 35.99
CA GLU C 228 17.04 -21.06 37.34
C GLU C 228 18.51 -21.40 37.45
N PRO C 229 19.26 -20.79 38.39
CA PRO C 229 20.60 -21.29 38.67
C PRO C 229 20.53 -22.78 38.98
N LYS C 230 21.48 -23.55 38.46
CA LYS C 230 21.47 -25.00 38.71
C LYS C 230 22.29 -25.37 39.93
N GLU D 1 30.25 -15.15 -19.42
CA GLU D 1 29.43 -14.13 -18.77
C GLU D 1 30.23 -12.90 -18.39
N ILE D 2 29.53 -11.93 -17.80
CA ILE D 2 30.11 -10.69 -17.29
C ILE D 2 29.93 -10.72 -15.77
N VAL D 3 31.05 -10.71 -15.04
CA VAL D 3 31.02 -10.84 -13.58
C VAL D 3 30.85 -9.47 -12.95
N MET D 4 29.96 -9.39 -11.95
CA MET D 4 29.80 -8.21 -11.10
C MET D 4 30.54 -8.45 -9.80
N THR D 5 31.45 -7.54 -9.46
CA THR D 5 32.17 -7.58 -8.19
C THR D 5 31.74 -6.40 -7.33
N GLN D 6 31.27 -6.70 -6.12
CA GLN D 6 30.82 -5.66 -5.21
C GLN D 6 31.74 -5.66 -3.99
N SER D 7 32.42 -4.54 -3.76
CA SER D 7 33.42 -4.47 -2.71
C SER D 7 33.40 -3.10 -2.06
N PRO D 8 33.47 -3.04 -0.74
CA PRO D 8 33.46 -4.22 0.15
C PRO D 8 32.05 -4.81 0.25
N ALA D 9 31.95 -5.95 0.91
CA ALA D 9 30.67 -6.63 1.11
C ALA D 9 29.78 -5.88 2.08
N THR D 10 30.37 -5.11 2.99
CA THR D 10 29.63 -4.37 4.01
C THR D 10 30.15 -2.96 4.09
N VAL D 11 29.25 -2.00 4.22
CA VAL D 11 29.62 -0.60 4.30
C VAL D 11 28.94 -0.03 5.53
N SER D 12 29.72 0.67 6.35
CA SER D 12 29.30 1.13 7.66
C SER D 12 29.27 2.64 7.63
N VAL D 13 28.09 3.24 7.75
CA VAL D 13 27.94 4.68 7.61
C VAL D 13 27.70 5.29 8.99
N SER D 14 28.52 6.28 9.34
CA SER D 14 28.36 7.02 10.59
C SER D 14 27.14 7.94 10.53
N PRO D 15 26.67 8.41 11.68
CA PRO D 15 25.45 9.23 11.70
C PRO D 15 25.59 10.48 10.82
N GLY D 16 24.61 10.67 9.96
CA GLY D 16 24.57 11.83 9.08
C GLY D 16 25.56 11.78 7.94
N GLU D 17 26.43 10.78 7.89
CA GLU D 17 27.40 10.70 6.82
C GLU D 17 26.77 10.06 5.59
N ARG D 18 27.59 9.88 4.56
CA ARG D 18 27.16 9.46 3.23
C ARG D 18 27.68 8.05 2.95
N ALA D 19 26.81 7.17 2.42
CA ALA D 19 27.16 5.79 2.12
C ALA D 19 27.58 5.67 0.66
N THR D 20 28.63 4.91 0.42
CA THR D 20 29.17 4.75 -0.93
C THR D 20 29.36 3.27 -1.24
N LEU D 21 28.71 2.79 -2.30
CA LEU D 21 28.82 1.40 -2.70
C LEU D 21 29.47 1.28 -4.08
N SER D 22 30.27 0.24 -4.24
CA SER D 22 31.03 0.01 -5.46
C SER D 22 30.49 -1.22 -6.18
N CYS D 23 30.31 -1.10 -7.50
CA CYS D 23 30.09 -2.23 -8.39
C CYS D 23 31.15 -2.19 -9.49
N ARG D 24 31.76 -3.34 -9.81
CA ARG D 24 32.79 -3.41 -10.83
C ARG D 24 32.44 -4.53 -11.80
N THR D 25 32.58 -4.29 -13.10
CA THR D 25 32.25 -5.30 -14.10
C THR D 25 33.51 -5.78 -14.83
N SER D 26 33.52 -7.08 -15.16
CA SER D 26 34.67 -7.69 -15.84
C SER D 26 34.85 -7.18 -17.26
N GLN D 27 33.81 -6.61 -17.88
CA GLN D 27 33.97 -5.91 -19.15
C GLN D 27 33.12 -4.65 -19.12
N SER D 28 33.38 -3.76 -20.07
CA SER D 28 32.62 -2.53 -20.12
C SER D 28 31.14 -2.84 -20.36
N VAL D 29 30.28 -2.21 -19.60
CA VAL D 29 28.85 -2.34 -19.80
C VAL D 29 28.21 -0.98 -20.08
N SER D 30 29.02 -0.01 -20.52
CA SER D 30 28.54 1.33 -20.88
C SER D 30 27.87 1.91 -19.63
N ASN D 31 26.62 2.36 -19.71
CA ASN D 31 25.88 2.74 -18.52
C ASN D 31 24.67 1.84 -18.28
N LYS D 32 24.63 0.68 -18.93
CA LYS D 32 23.53 -0.28 -18.75
C LYS D 32 23.74 -1.05 -17.44
N LEU D 33 23.54 -0.33 -16.33
CA LEU D 33 23.76 -0.88 -15.00
C LEU D 33 22.62 -0.47 -14.08
N ALA D 34 22.06 -1.45 -13.37
CA ALA D 34 20.93 -1.24 -12.48
C ALA D 34 21.34 -1.55 -11.03
N TRP D 35 20.75 -0.83 -10.10
CA TRP D 35 20.90 -1.08 -8.67
C TRP D 35 19.56 -1.47 -8.09
N TYR D 36 19.58 -2.43 -7.18
CA TYR D 36 18.40 -2.88 -6.48
C TYR D 36 18.63 -2.80 -4.98
N GLN D 37 17.55 -2.52 -4.25
CA GLN D 37 17.58 -2.49 -2.79
C GLN D 37 16.72 -3.63 -2.25
N GLN D 38 17.23 -4.36 -1.26
CA GLN D 38 16.46 -5.42 -0.62
C GLN D 38 16.43 -5.21 0.89
N LYS D 39 15.26 -4.84 1.40
CA LYS D 39 15.11 -4.65 2.84
C LYS D 39 14.86 -5.99 3.51
N PRO D 40 15.20 -6.10 4.79
CA PRO D 40 15.12 -7.40 5.47
C PRO D 40 13.73 -8.03 5.34
N GLY D 41 13.71 -9.29 4.91
CA GLY D 41 12.44 -10.00 4.80
C GLY D 41 11.52 -9.55 3.68
N GLN D 42 12.00 -8.75 2.74
CA GLN D 42 11.18 -8.24 1.65
C GLN D 42 11.81 -8.63 0.32
N ALA D 43 11.08 -8.47 -0.77
CA ALA D 43 11.69 -8.67 -2.08
C ALA D 43 12.66 -7.55 -2.42
N PRO D 44 13.50 -7.78 -3.42
CA PRO D 44 14.28 -6.69 -4.00
C PRO D 44 13.36 -5.72 -4.73
N ARG D 45 13.80 -4.48 -4.83
CA ARG D 45 13.13 -3.50 -5.66
C ARG D 45 14.18 -2.73 -6.47
N LEU D 46 13.83 -2.41 -7.71
CA LEU D 46 14.72 -1.64 -8.57
C LEU D 46 14.88 -0.22 -8.02
N LEU D 47 16.12 0.20 -7.85
CA LEU D 47 16.47 1.51 -7.30
C LEU D 47 16.85 2.49 -8.41
N ILE D 48 17.86 2.12 -9.21
CA ILE D 48 18.41 2.95 -10.27
C ILE D 48 18.59 2.09 -11.52
N TYR D 49 18.35 2.67 -12.68
CA TYR D 49 18.73 2.04 -13.94
C TYR D 49 19.51 3.04 -14.79
N GLY D 50 20.12 2.54 -15.85
CA GLY D 50 20.97 3.42 -16.64
C GLY D 50 22.10 4.00 -15.84
N ALA D 51 22.51 3.32 -14.77
CA ALA D 51 23.63 3.71 -13.94
C ALA D 51 23.28 4.89 -13.04
N SER D 52 22.52 5.86 -13.56
CA SER D 52 22.32 7.10 -12.84
C SER D 52 20.88 7.58 -12.80
N THR D 53 19.94 6.86 -13.40
CA THR D 53 18.55 7.27 -13.44
C THR D 53 17.75 6.53 -12.38
N ARG D 54 17.06 7.28 -11.53
CA ARG D 54 16.31 6.70 -10.43
C ARG D 54 15.03 6.08 -10.95
N ALA D 55 14.66 4.93 -10.40
CA ALA D 55 13.41 4.28 -10.78
C ALA D 55 12.21 5.07 -10.27
N THR D 56 11.03 4.74 -10.78
CA THR D 56 9.84 5.49 -10.40
C THR D 56 9.64 5.44 -8.89
N GLY D 57 9.43 6.62 -8.30
CA GLY D 57 9.16 6.72 -6.87
C GLY D 57 10.32 6.44 -5.94
N ILE D 58 11.55 6.60 -6.39
CA ILE D 58 12.74 6.34 -5.56
C ILE D 58 13.28 7.66 -5.05
N PRO D 59 13.47 7.82 -3.73
CA PRO D 59 13.83 9.13 -3.16
C PRO D 59 15.12 9.69 -3.72
N ALA D 60 15.24 11.00 -3.63
CA ALA D 60 16.39 11.70 -4.19
C ALA D 60 17.70 11.38 -3.46
N ARG D 61 17.62 10.88 -2.23
CA ARG D 61 18.85 10.61 -1.49
C ARG D 61 19.63 9.43 -2.06
N PHE D 62 19.05 8.66 -2.97
CA PHE D 62 19.78 7.65 -3.72
C PHE D 62 20.26 8.25 -5.03
N SER D 63 21.53 8.06 -5.35
CA SER D 63 22.02 8.51 -6.65
C SER D 63 23.13 7.56 -7.09
N GLY D 64 23.17 7.33 -8.40
CA GLY D 64 24.17 6.48 -9.01
C GLY D 64 25.04 7.23 -9.99
N SER D 65 26.22 6.71 -10.28
CA SER D 65 27.08 7.32 -11.27
C SER D 65 28.07 6.26 -11.75
N GLY D 66 28.85 6.65 -12.75
CA GLY D 66 29.82 5.76 -13.34
C GLY D 66 29.36 5.25 -14.69
N SER D 67 30.33 4.77 -15.47
CA SER D 67 30.09 4.22 -16.78
C SER D 67 31.27 3.33 -17.13
N GLY D 68 31.02 2.40 -18.05
CA GLY D 68 32.04 1.44 -18.40
C GLY D 68 32.09 0.28 -17.41
N THR D 69 33.03 0.33 -16.47
CA THR D 69 33.27 -0.76 -15.55
C THR D 69 33.26 -0.39 -14.08
N GLN D 70 33.30 0.89 -13.72
CA GLN D 70 33.34 1.32 -12.32
C GLN D 70 32.05 2.10 -12.02
N PHE D 71 31.25 1.59 -11.08
CA PHE D 71 29.97 2.22 -10.77
C PHE D 71 29.83 2.45 -9.27
N THR D 72 29.04 3.47 -8.93
CA THR D 72 28.88 3.86 -7.53
C THR D 72 27.42 4.15 -7.23
N LEU D 73 26.91 3.50 -6.19
CA LEU D 73 25.65 3.89 -5.55
C LEU D 73 25.97 4.74 -4.33
N THR D 74 25.35 5.90 -4.24
CA THR D 74 25.53 6.81 -3.12
C THR D 74 24.19 7.00 -2.42
N ILE D 75 24.20 6.91 -1.09
CA ILE D 75 23.02 7.12 -0.27
C ILE D 75 23.35 8.26 0.69
N SER D 76 22.64 9.38 0.54
CA SER D 76 22.83 10.56 1.38
C SER D 76 21.79 10.62 2.49
N SER D 77 22.17 11.21 3.62
CA SER D 77 21.29 11.44 4.77
C SER D 77 20.39 10.22 5.03
N LEU D 78 21.04 9.12 5.36
CA LEU D 78 20.36 7.84 5.48
C LEU D 78 19.19 7.88 6.47
N GLN D 79 18.09 7.24 6.08
CA GLN D 79 17.01 6.89 6.97
C GLN D 79 17.23 5.47 7.47
N SER D 80 16.57 5.14 8.58
CA SER D 80 16.72 3.81 9.15
C SER D 80 16.32 2.72 8.17
N GLU D 81 15.38 3.02 7.27
CA GLU D 81 14.94 2.01 6.31
C GLU D 81 15.97 1.75 5.22
N ASP D 82 17.02 2.54 5.14
CA ASP D 82 17.99 2.41 4.06
C ASP D 82 19.14 1.46 4.38
N PHE D 83 19.25 1.01 5.63
CA PHE D 83 20.24 0.00 5.96
C PHE D 83 19.68 -1.33 5.48
N ALA D 84 20.32 -1.90 4.46
CA ALA D 84 19.73 -2.99 3.70
C ALA D 84 20.81 -3.53 2.79
N VAL D 85 20.44 -4.48 1.97
CA VAL D 85 21.35 -5.08 0.99
C VAL D 85 21.10 -4.46 -0.37
N TYR D 86 22.18 -4.18 -1.09
CA TYR D 86 22.10 -3.54 -2.41
C TYR D 86 22.79 -4.42 -3.43
N TYR D 87 22.12 -4.67 -4.56
CA TYR D 87 22.63 -5.49 -5.64
C TYR D 87 22.78 -4.66 -6.91
N CYS D 88 23.82 -4.94 -7.68
CA CYS D 88 23.96 -4.36 -9.01
C CYS D 88 23.80 -5.45 -10.05
N GLN D 89 23.50 -5.04 -11.27
CA GLN D 89 23.13 -5.97 -12.34
C GLN D 89 23.37 -5.27 -13.66
N GLN D 90 24.28 -5.81 -14.47
CA GLN D 90 24.54 -5.27 -15.80
C GLN D 90 23.52 -5.83 -16.80
N TYR D 91 23.11 -5.00 -17.75
CA TYR D 91 22.20 -5.46 -18.81
C TYR D 91 22.67 -4.92 -20.15
N ASN D 92 23.98 -4.86 -20.34
CA ASN D 92 24.55 -4.48 -21.62
C ASN D 92 24.80 -5.67 -22.53
N ASN D 93 25.04 -6.85 -21.96
CA ASN D 93 25.43 -8.03 -22.73
C ASN D 93 24.56 -9.21 -22.33
N TRP D 94 23.93 -9.81 -23.31
CA TRP D 94 22.98 -10.86 -23.03
C TRP D 94 23.69 -12.02 -22.34
N PRO D 95 23.07 -12.69 -21.36
CA PRO D 95 21.74 -12.45 -20.77
C PRO D 95 21.80 -11.52 -19.59
N PRO D 96 20.66 -10.96 -19.17
CA PRO D 96 20.68 -9.94 -18.11
C PRO D 96 20.43 -10.47 -16.72
N TRP D 97 20.23 -11.78 -16.53
CA TRP D 97 19.67 -12.26 -15.27
C TRP D 97 20.73 -12.67 -14.25
N THR D 98 21.71 -11.79 -14.02
CA THR D 98 22.76 -12.00 -13.03
C THR D 98 22.91 -10.78 -12.14
N PHE D 99 23.05 -11.02 -10.84
CA PHE D 99 23.28 -10.00 -9.84
C PHE D 99 24.64 -10.21 -9.16
N GLY D 100 25.22 -9.12 -8.69
CA GLY D 100 26.37 -9.22 -7.82
C GLY D 100 25.99 -9.79 -6.46
N ARG D 101 27.01 -10.15 -5.68
CA ARG D 101 26.77 -10.82 -4.39
C ARG D 101 26.11 -9.91 -3.38
N GLY D 102 26.12 -8.61 -3.60
CA GLY D 102 25.41 -7.68 -2.74
C GLY D 102 26.30 -7.07 -1.67
N THR D 103 25.97 -5.83 -1.30
CA THR D 103 26.62 -5.11 -0.23
C THR D 103 25.59 -4.72 0.82
N LYS D 104 25.86 -5.04 2.07
CA LYS D 104 24.99 -4.64 3.17
C LYS D 104 25.45 -3.29 3.72
N VAL D 105 24.51 -2.38 3.91
CA VAL D 105 24.80 -1.10 4.54
C VAL D 105 24.35 -1.20 5.97
N GLU D 106 25.28 -0.99 6.90
CA GLU D 106 25.01 -1.00 8.33
C GLU D 106 25.37 0.34 8.95
N ILE D 107 24.96 0.50 10.21
CA ILE D 107 25.27 1.68 10.97
C ILE D 107 26.67 1.53 11.55
N LYS D 108 27.49 2.56 11.42
CA LYS D 108 28.84 2.57 11.97
C LYS D 108 28.84 3.32 13.30
N ARG D 109 28.98 2.59 14.40
CA ARG D 109 29.15 3.17 15.74
C ARG D 109 30.58 2.90 16.23
N THR D 110 30.88 3.32 17.47
CA THR D 110 32.19 3.04 18.06
C THR D 110 32.36 1.54 18.31
N VAL D 111 33.61 1.16 18.58
CA VAL D 111 33.89 -0.24 18.91
C VAL D 111 33.32 -0.59 20.28
N ALA D 112 32.70 -1.75 20.36
CA ALA D 112 32.19 -2.25 21.62
C ALA D 112 32.58 -3.72 21.72
N ALA D 113 33.33 -4.07 22.76
CA ALA D 113 33.70 -5.46 22.97
C ALA D 113 32.49 -6.27 23.46
N PRO D 114 32.40 -7.55 23.11
CA PRO D 114 31.30 -8.36 23.61
C PRO D 114 31.56 -8.79 25.03
N SER D 115 30.49 -8.92 25.81
CA SER D 115 30.59 -9.65 27.08
C SER D 115 30.25 -11.09 26.75
N VAL D 116 30.99 -12.03 27.34
CA VAL D 116 31.01 -13.42 26.87
C VAL D 116 30.56 -14.34 28.00
N PHE D 117 29.69 -15.28 27.65
CA PHE D 117 29.16 -16.28 28.57
C PHE D 117 29.21 -17.64 27.91
N ILE D 118 29.38 -18.66 28.73
CA ILE D 118 29.40 -20.04 28.27
C ILE D 118 28.37 -20.81 29.08
N PHE D 119 27.68 -21.75 28.43
CA PHE D 119 26.63 -22.53 29.08
C PHE D 119 26.91 -24.01 28.85
N PRO D 120 27.02 -24.81 29.91
CA PRO D 120 27.19 -26.25 29.73
C PRO D 120 25.87 -26.91 29.35
N PRO D 121 25.91 -28.13 28.84
CA PRO D 121 24.65 -28.86 28.58
C PRO D 121 23.91 -29.11 29.89
N SER D 122 22.59 -29.23 29.77
CA SER D 122 21.72 -29.54 30.89
C SER D 122 21.68 -31.04 31.11
N ASP D 123 21.37 -31.45 32.34
CA ASP D 123 21.17 -32.89 32.62
C ASP D 123 20.02 -33.46 31.79
N GLU D 124 18.95 -32.69 31.62
CA GLU D 124 17.84 -33.14 30.79
C GLU D 124 18.31 -33.53 29.39
N GLN D 125 19.08 -32.65 28.74
CA GLN D 125 19.57 -32.95 27.39
C GLN D 125 20.48 -34.18 27.41
N LEU D 126 21.45 -34.21 28.34
CA LEU D 126 22.40 -35.31 28.39
C LEU D 126 21.70 -36.65 28.46
N LYS D 127 20.58 -36.71 29.17
CA LYS D 127 19.82 -37.95 29.29
C LYS D 127 19.37 -38.46 27.93
N SER D 128 19.06 -37.56 27.00
CA SER D 128 18.64 -37.98 25.67
C SER D 128 19.80 -38.41 24.76
N GLY D 129 21.04 -38.27 25.22
CA GLY D 129 22.19 -38.75 24.48
C GLY D 129 23.03 -37.67 23.82
N THR D 130 22.62 -36.41 23.85
CA THR D 130 23.35 -35.37 23.14
C THR D 130 23.72 -34.25 24.10
N ALA D 131 24.83 -33.59 23.79
CA ALA D 131 25.35 -32.49 24.60
C ALA D 131 25.60 -31.29 23.70
N SER D 132 24.87 -30.20 23.98
CA SER D 132 25.06 -28.93 23.31
C SER D 132 25.71 -27.95 24.29
N VAL D 133 26.86 -27.41 23.92
CA VAL D 133 27.54 -26.35 24.68
C VAL D 133 27.37 -25.05 23.90
N VAL D 134 26.91 -24.00 24.59
CA VAL D 134 26.57 -22.75 23.92
C VAL D 134 27.45 -21.64 24.44
N CYS D 135 28.03 -20.87 23.54
CA CYS D 135 28.84 -19.69 23.86
C CYS D 135 28.09 -18.46 23.33
N LEU D 136 27.96 -17.44 24.18
CA LEU D 136 27.18 -16.24 23.91
C LEU D 136 28.11 -15.04 23.87
N LEU D 137 28.06 -14.29 22.76
CA LEU D 137 28.74 -12.99 22.64
C LEU D 137 27.69 -11.89 22.62
N ASN D 138 27.70 -11.02 23.61
CA ASN D 138 26.57 -10.12 23.78
C ASN D 138 26.98 -8.70 23.40
N ASN D 139 26.27 -8.13 22.42
CA ASN D 139 26.28 -6.68 22.14
C ASN D 139 27.68 -6.15 21.86
N PHE D 140 28.23 -6.56 20.71
CA PHE D 140 29.52 -6.10 20.24
C PHE D 140 29.41 -5.36 18.91
N TYR D 141 30.48 -4.66 18.57
CA TYR D 141 30.62 -3.97 17.31
C TYR D 141 32.10 -3.71 17.12
N PRO D 142 32.65 -3.90 15.90
CA PRO D 142 31.95 -4.33 14.68
C PRO D 142 31.66 -5.84 14.69
N ARG D 143 31.09 -6.33 13.58
CA ARG D 143 30.57 -7.68 13.53
C ARG D 143 31.65 -8.75 13.45
N GLU D 144 32.81 -8.43 12.88
CA GLU D 144 33.87 -9.44 12.75
C GLU D 144 34.33 -9.90 14.13
N ALA D 145 34.33 -11.21 14.33
CA ALA D 145 34.76 -11.81 15.57
C ALA D 145 35.16 -13.26 15.33
N LYS D 146 36.11 -13.74 16.10
CA LYS D 146 36.54 -15.12 16.01
C LYS D 146 36.12 -15.82 17.30
N VAL D 147 35.36 -16.91 17.16
CA VAL D 147 34.94 -17.76 18.28
C VAL D 147 35.58 -19.13 18.11
N GLN D 148 36.39 -19.52 19.09
CA GLN D 148 37.20 -20.72 18.99
C GLN D 148 36.85 -21.67 20.13
N TRP D 149 36.34 -22.86 19.80
CA TRP D 149 35.99 -23.88 20.78
C TRP D 149 37.18 -24.76 21.11
N LYS D 150 37.45 -24.94 22.39
CA LYS D 150 38.52 -25.83 22.84
C LYS D 150 37.93 -26.86 23.81
N VAL D 151 38.37 -28.10 23.67
CA VAL D 151 38.01 -29.22 24.55
C VAL D 151 39.31 -29.87 25.01
N ASP D 152 39.61 -29.77 26.31
CA ASP D 152 40.92 -30.13 26.87
C ASP D 152 42.02 -29.50 26.04
N ASN D 153 41.80 -28.26 25.64
CA ASN D 153 42.74 -27.47 24.86
C ASN D 153 42.86 -27.93 23.41
N ALA D 154 42.05 -28.90 22.95
CA ALA D 154 42.04 -29.26 21.55
C ALA D 154 41.12 -28.32 20.78
N LEU D 155 41.66 -27.61 19.80
CA LEU D 155 40.83 -26.74 18.97
C LEU D 155 39.80 -27.54 18.20
N GLN D 156 38.54 -27.15 18.32
CA GLN D 156 37.43 -27.82 17.66
C GLN D 156 37.09 -27.08 16.38
N SER D 157 36.91 -27.82 15.28
CA SER D 157 36.59 -27.20 14.01
C SER D 157 35.61 -28.08 13.24
N GLY D 158 34.52 -27.47 12.77
CA GLY D 158 33.56 -28.19 11.96
C GLY D 158 32.49 -28.90 12.73
N ASN D 159 32.37 -28.66 14.03
CA ASN D 159 31.36 -29.34 14.84
C ASN D 159 30.59 -28.35 15.70
N SER D 160 30.46 -27.11 15.22
CA SER D 160 29.66 -26.11 15.88
C SER D 160 28.92 -25.30 14.82
N GLN D 161 27.88 -24.61 15.26
CA GLN D 161 27.10 -23.73 14.41
C GLN D 161 26.88 -22.43 15.16
N GLU D 162 26.72 -21.34 14.42
CA GLU D 162 26.51 -20.04 15.04
C GLU D 162 25.50 -19.25 14.24
N SER D 163 24.88 -18.28 14.91
CA SER D 163 24.06 -17.28 14.23
C SER D 163 24.20 -15.96 14.95
N VAL D 164 23.81 -14.90 14.24
CA VAL D 164 24.01 -13.52 14.63
C VAL D 164 22.72 -12.76 14.46
N THR D 165 22.40 -11.94 15.46
CA THR D 165 21.20 -11.11 15.41
C THR D 165 21.41 -9.99 14.43
N GLU D 166 20.32 -9.33 14.06
CA GLU D 166 20.38 -8.11 13.28
C GLU D 166 20.93 -6.98 14.14
N GLN D 167 21.46 -5.95 13.48
CA GLN D 167 21.98 -4.80 14.22
C GLN D 167 20.91 -4.25 15.15
N ASP D 168 21.23 -4.15 16.43
CA ASP D 168 20.22 -3.72 17.39
C ASP D 168 19.78 -2.31 17.09
N SER D 169 18.46 -2.08 17.15
CA SER D 169 17.95 -0.76 16.81
C SER D 169 18.31 0.29 17.84
N LYS D 170 18.61 -0.11 19.09
CA LYS D 170 18.89 0.89 20.11
C LYS D 170 20.40 1.21 20.22
N ASP D 171 21.27 0.21 20.26
CA ASP D 171 22.69 0.50 20.40
C ASP D 171 23.53 0.03 19.21
N SER D 172 22.91 -0.44 18.14
CA SER D 172 23.63 -0.73 16.90
C SER D 172 24.67 -1.82 17.09
N THR D 173 24.48 -2.72 18.07
CA THR D 173 25.39 -3.84 18.24
C THR D 173 24.83 -5.10 17.59
N TYR D 174 25.69 -6.10 17.54
CA TYR D 174 25.38 -7.45 17.14
C TYR D 174 25.54 -8.36 18.37
N SER D 175 24.80 -9.46 18.37
CA SER D 175 25.03 -10.52 19.31
C SER D 175 25.15 -11.82 18.54
N LEU D 176 25.89 -12.75 19.10
CA LEU D 176 26.24 -13.97 18.41
C LEU D 176 26.12 -15.12 19.39
N SER D 177 25.58 -16.23 18.88
CA SER D 177 25.39 -17.47 19.61
C SER D 177 26.09 -18.59 18.84
N SER D 178 26.96 -19.35 19.52
CA SER D 178 27.67 -20.48 18.91
C SER D 178 27.44 -21.73 19.75
N THR D 179 26.90 -22.76 19.11
CA THR D 179 26.55 -24.02 19.74
C THR D 179 27.51 -25.10 19.27
N LEU D 180 28.20 -25.71 20.23
CA LEU D 180 29.03 -26.87 19.96
C LEU D 180 28.24 -28.11 20.37
N THR D 181 28.23 -29.12 19.51
CA THR D 181 27.37 -30.27 19.75
C THR D 181 28.23 -31.53 19.75
N LEU D 182 28.07 -32.34 20.81
CA LEU D 182 28.77 -33.61 20.94
C LEU D 182 27.76 -34.67 21.38
N SER D 183 28.11 -35.92 21.10
CA SER D 183 27.39 -37.03 21.71
C SER D 183 27.64 -37.02 23.22
N LYS D 184 26.70 -37.62 23.98
CA LYS D 184 26.92 -37.79 25.43
C LYS D 184 28.25 -38.47 25.72
N ALA D 185 28.57 -39.54 24.98
CA ALA D 185 29.78 -40.32 25.26
C ALA D 185 31.04 -39.48 25.04
N ASP D 186 31.10 -38.75 23.92
CA ASP D 186 32.26 -37.90 23.70
C ASP D 186 32.32 -36.79 24.75
N TYR D 187 31.16 -36.23 25.10
CA TYR D 187 31.13 -35.20 26.12
C TYR D 187 31.77 -35.70 27.41
N GLU D 188 31.41 -36.92 27.83
CA GLU D 188 31.89 -37.46 29.10
C GLU D 188 33.32 -37.96 29.02
N LYS D 189 34.00 -37.81 27.88
CA LYS D 189 35.41 -38.17 27.74
C LYS D 189 36.36 -37.02 28.06
N HIS D 190 35.86 -35.81 28.28
CA HIS D 190 36.72 -34.66 28.42
C HIS D 190 36.26 -33.78 29.58
N LYS D 191 37.16 -32.92 30.04
CA LYS D 191 36.93 -32.15 31.26
C LYS D 191 36.68 -30.68 30.99
N VAL D 192 37.60 -29.99 30.30
CA VAL D 192 37.58 -28.53 30.22
C VAL D 192 36.97 -28.10 28.89
N TYR D 193 35.86 -27.37 28.99
CA TYR D 193 35.14 -26.78 27.86
C TYR D 193 35.28 -25.26 27.90
N ALA D 194 35.79 -24.68 26.82
CA ALA D 194 36.10 -23.26 26.74
C ALA D 194 35.75 -22.72 25.36
N CYS D 195 35.30 -21.47 25.30
CA CYS D 195 35.29 -20.72 24.06
C CYS D 195 36.17 -19.50 24.20
N GLU D 196 36.98 -19.27 23.17
CA GLU D 196 37.93 -18.17 23.10
C GLU D 196 37.45 -17.17 22.07
N VAL D 197 37.35 -15.91 22.49
CA VAL D 197 36.77 -14.86 21.65
C VAL D 197 37.85 -13.82 21.34
N THR D 198 38.01 -13.53 20.06
CA THR D 198 38.86 -12.46 19.57
C THR D 198 37.99 -11.40 18.93
N HIS D 199 38.11 -10.16 19.38
CA HIS D 199 37.33 -9.05 18.86
C HIS D 199 38.15 -7.77 19.03
N GLN D 200 37.94 -6.85 18.10
CA GLN D 200 38.70 -5.60 18.06
C GLN D 200 38.58 -4.79 19.36
N GLY D 201 37.52 -5.00 20.15
CA GLY D 201 37.42 -4.31 21.43
C GLY D 201 38.18 -4.94 22.58
N LEU D 202 38.80 -6.09 22.36
CA LEU D 202 39.49 -6.80 23.43
C LEU D 202 41.00 -6.69 23.19
N SER D 203 41.73 -6.15 24.17
CA SER D 203 43.16 -6.03 23.99
C SER D 203 43.82 -7.40 23.99
N SER D 204 43.13 -8.43 24.49
CA SER D 204 43.57 -9.81 24.38
C SER D 204 42.36 -10.69 24.20
N PRO D 205 42.49 -11.85 23.56
CA PRO D 205 41.37 -12.78 23.45
C PRO D 205 40.86 -13.15 24.83
N VAL D 206 39.54 -13.28 24.96
CA VAL D 206 38.90 -13.64 26.22
C VAL D 206 38.42 -15.08 26.15
N THR D 207 38.57 -15.82 27.24
CA THR D 207 38.15 -17.21 27.31
C THR D 207 37.15 -17.39 28.46
N LYS D 208 36.03 -18.05 28.19
CA LYS D 208 35.15 -18.50 29.25
C LYS D 208 35.12 -20.02 29.22
N SER D 209 35.19 -20.65 30.39
CA SER D 209 35.30 -22.10 30.42
C SER D 209 34.57 -22.67 31.63
N PHE D 210 34.36 -23.98 31.58
CA PHE D 210 33.89 -24.71 32.74
C PHE D 210 34.48 -26.11 32.69
N ASN D 211 34.55 -26.74 33.86
CA ASN D 211 34.96 -28.13 33.97
C ASN D 211 33.70 -28.97 34.08
N ARG D 212 33.57 -29.95 33.20
CA ARG D 212 32.44 -30.86 33.28
C ARG D 212 32.27 -31.38 34.70
N GLY D 213 31.03 -31.39 35.17
CA GLY D 213 30.70 -31.95 36.48
C GLY D 213 30.98 -31.08 37.68
N GLU D 214 31.57 -29.90 37.51
CA GLU D 214 31.69 -29.01 38.64
C GLU D 214 30.59 -27.97 38.56
#